data_7Y1T
#
_entry.id   7Y1T
#
_cell.length_a   1.00
_cell.length_b   1.00
_cell.length_c   1.00
_cell.angle_alpha   90.00
_cell.angle_beta   90.00
_cell.angle_gamma   90.00
#
_symmetry.space_group_name_H-M   'P 1'
#
loop_
_entity.id
_entity.type
_entity.pdbx_description
1 polymer 'Integrin alpha-V'
2 polymer 'Integrin beta-8'
3 polymer 'Transforming growth factor beta-1 proprotein'
4 branched 2-acetamido-2-deoxy-beta-D-glucopyranose-(1-4)-2-acetamido-2-deoxy-beta-D-glucopyranose-(1-4)-2-acetamido-2-deoxy-beta-D-glucopyranose
5 branched 2-acetamido-2-deoxy-beta-D-glucopyranose-(1-4)-2-acetamido-2-deoxy-beta-D-glucopyranose
6 branched alpha-D-mannopyranose-(1-6)-alpha-D-mannopyranose-(1-4)-[alpha-D-mannopyranose-(1-3)]beta-D-mannopyranose-(1-4)-2-acetamido-2-deoxy-beta-D-glucopyranose-(1-4)-2-acetamido-2-deoxy-beta-D-glucopyranose
7 non-polymer 2-acetamido-2-deoxy-beta-D-glucopyranose
8 non-polymer 'CALCIUM ION'
9 non-polymer 'MANGANESE (II) ION'
#
loop_
_entity_poly.entity_id
_entity_poly.type
_entity_poly.pdbx_seq_one_letter_code
_entity_poly.pdbx_strand_id
1 'polypeptide(L)'
;MAFPPRRRLRLGPRGLPLLLSGLLLPLCRAFNLDVDSPAEYSGPEGSYFGFAVDFFVPSASSRMFLLVGAPKANTTQPGI
VEGGQVLKCDWSSTRRCQPIEFDATGNRDYAKDDPLEFKSHQWFGASVRSKQDKILACAPLYHWRTEMKQEREPVGTCFL
QDGTKTVEYAPCRSQDIDADGQGFCQGGFSIDFTKADRVLLGGPGSFYWQGQLISDQVAEIVSKYDPNVYSIKYNNQLAT
RTAQAIFDDSYLGYSVAVGDFNGDGIDDFVSGVPRAARTLGMVYIYDGKNMSSLYNFTGEQMAAYFGFSVAATDINGDDY
ADVFIGAPLFMDRGSDGKLQEVGQVSVSLQRASGDFQTTKLNGFEVFARFGSAIAPLGDLDQDGFNDIAIAAPYGGEDKK
GIVYIFNGRSTGLNAVPSQILEGQWAARSGCPPSFGYSMKGATDIDKNGYPDLIVGAFGVDRAILYRARPVITVNAGLEV
YPSILNQDNKTCSLPGTALKVSCFNVRFCLKADGKGVLPRKLNFQVELLLDKLKQKGAIRRALFLYSRSPSHSKNMTISR
GGLMQCEELIAYLRDESEFRDKLTPITIFMEYRLDYRTAADTTGLQPILNQFTPANISRQAHILLDTGGLEVLFQ
;
A
2 'polypeptide(L)'
;MDMRVPAQLLGLLLLWFSGVLEDNRCASSNAASCARCLALGPECGWCVQEDFISGGSRSERCDIVSNLISKGCSVDSIEY
PSVHVIIPTENEINTQVTPGEVSIQLRPGAEANFMLKVHPLKKYPVDLYYLVDVSASMHNNIEKLNSVGNDLSRKMAFFS
RDFRLGFGSYVDKTVSPYISIHPERIHNQCSDYNLDCMPPHGYIHVLSLTENITEFEKAVHRQKISGNIDTPEGGFDAML
QAAVCESHIGWRKEAKRLLLVMTDQTSHLALDSKLAGIVCPNDGNCHLKNNVYVKSTTMEHPSLGQLSEKLIDNNINVIF
AVQGKQFHWYKDLLPLLPGTIAGEIESKAANLNNLVVEAYQKLISEVKVQVENQVQGIYFNITAICPDGSRKPGMEGCRN
VTSNDEVLFNVTVTMKKCDVTGGKNYAIIKPIGFNETAKIHIHRNCSCQCEDNRGPKGKCVDETFLDSKCFQCDENK
;
B
3 'polypeptide(L)'
;MPLLLLLPLLWAGALALSTCKTIDMELVKRKRIEAIRGQILSKLRLASPPSQGEVPPGPLPEAVLALYNSTRDRVAGESA
EPEPEPEADYYAKEVTRVLMVETHNEIYDKFKQSTHSIYMFFNTSELREAVPEPVLLSRAELRLLRLKLKVEQHVELYQK
YSNNSWRYLSNRLLAPSDSPEWLSFDVTGVVRQWLSRGGEIEGFRLSAHCSCDSRDNTLQVDINGFTTGRRGDLATIHGM
NRPFLLLMATPLERAQHLQSSRHRRALDTNYCFSSTEKNCCVRQLYIDFRKDLGWKWIHEPKGYHANFCLGPCPYIWSLD
TQYSKVLALYNQHNPGASAAPCCVPQALEPLPIVYYVGRKPKVEQLSNMIVRSCKCS
;
D
#
# COMPACT_ATOMS: atom_id res chain seq x y z
N PHE A 31 16.03 20.80 -16.89
CA PHE A 31 16.39 22.09 -16.32
C PHE A 31 15.89 23.24 -17.20
N ASN A 32 15.14 22.90 -18.24
CA ASN A 32 14.62 23.89 -19.18
C ASN A 32 13.12 24.12 -19.02
N LEU A 33 12.52 23.68 -17.91
CA LEU A 33 11.09 23.86 -17.71
C LEU A 33 10.80 25.31 -17.33
N ASP A 34 9.80 25.89 -17.99
CA ASP A 34 9.42 27.27 -17.73
C ASP A 34 8.61 27.33 -16.44
N VAL A 35 9.14 28.03 -15.44
CA VAL A 35 8.48 28.17 -14.14
C VAL A 35 7.86 29.55 -13.93
N ASP A 36 8.13 30.50 -14.82
CA ASP A 36 7.61 31.86 -14.68
C ASP A 36 6.29 32.05 -15.43
N SER A 37 5.82 31.05 -16.16
CA SER A 37 4.55 31.15 -16.86
C SER A 37 3.99 29.76 -17.15
N PRO A 38 3.57 29.00 -16.14
CA PRO A 38 3.00 27.68 -16.40
C PRO A 38 1.55 27.75 -16.81
N ALA A 39 1.15 26.85 -17.70
CA ALA A 39 -0.24 26.76 -18.11
C ALA A 39 -1.07 26.13 -16.99
N GLU A 40 -2.01 26.90 -16.44
CA GLU A 40 -2.83 26.46 -15.32
C GLU A 40 -4.25 26.20 -15.79
N TYR A 41 -4.79 25.04 -15.44
CA TYR A 41 -6.13 24.63 -15.84
C TYR A 41 -7.00 24.46 -14.60
N SER A 42 -8.18 25.04 -14.63
CA SER A 42 -9.14 24.92 -13.55
C SER A 42 -10.24 23.92 -13.90
N GLY A 43 -11.03 23.55 -12.90
CA GLY A 43 -12.10 22.61 -13.08
C GLY A 43 -13.15 22.72 -11.99
N PRO A 44 -14.06 21.73 -11.93
CA PRO A 44 -15.07 21.73 -10.86
C PRO A 44 -14.42 21.68 -9.49
N GLU A 45 -15.01 22.42 -8.55
CA GLU A 45 -14.47 22.50 -7.20
C GLU A 45 -14.77 21.22 -6.43
N GLY A 46 -13.75 20.67 -5.77
CA GLY A 46 -13.91 19.44 -5.02
C GLY A 46 -14.24 18.24 -5.90
N SER A 47 -13.60 18.13 -7.06
CA SER A 47 -13.85 17.05 -7.99
C SER A 47 -12.60 16.25 -8.34
N TYR A 48 -11.52 16.43 -7.59
CA TYR A 48 -10.24 15.74 -7.85
C TYR A 48 -9.77 16.00 -9.28
N PHE A 49 -9.89 17.24 -9.73
CA PHE A 49 -9.48 17.63 -11.07
C PHE A 49 -7.96 17.59 -11.15
N GLY A 50 -7.43 16.56 -11.80
CA GLY A 50 -5.99 16.42 -11.93
C GLY A 50 -5.48 15.09 -11.41
N PHE A 51 -6.41 14.17 -11.11
CA PHE A 51 -6.00 12.84 -10.65
C PHE A 51 -5.23 12.09 -11.73
N ALA A 52 -5.69 12.19 -12.98
CA ALA A 52 -5.02 11.56 -14.11
C ALA A 52 -4.92 12.57 -15.24
N VAL A 53 -3.71 12.84 -15.70
CA VAL A 53 -3.44 13.79 -16.78
C VAL A 53 -2.72 13.07 -17.89
N ASP A 54 -3.08 13.38 -19.14
CA ASP A 54 -2.47 12.75 -20.30
C ASP A 54 -2.69 13.68 -21.49
N PHE A 55 -1.88 13.49 -22.52
CA PHE A 55 -1.96 14.31 -23.72
C PHE A 55 -2.84 13.65 -24.78
N PHE A 56 -3.39 14.47 -25.66
CA PHE A 56 -4.24 14.01 -26.74
C PHE A 56 -3.76 14.66 -28.04
N VAL A 57 -3.14 13.85 -28.90
CA VAL A 57 -2.53 14.35 -30.13
C VAL A 57 -3.10 13.61 -31.34
N PRO A 58 -4.28 14.01 -31.82
CA PRO A 58 -4.87 13.30 -32.97
C PRO A 58 -4.02 13.42 -34.21
N SER A 59 -3.89 12.30 -34.93
CA SER A 59 -3.08 12.30 -36.15
C SER A 59 -3.81 13.00 -37.29
N ALA A 60 -5.12 12.83 -37.38
CA ALA A 60 -5.88 13.43 -38.47
C ALA A 60 -5.86 14.95 -38.40
N SER A 61 -6.01 15.52 -37.21
CA SER A 61 -6.05 16.96 -37.04
C SER A 61 -4.66 17.49 -36.67
N SER A 62 -4.47 18.79 -36.91
CA SER A 62 -3.24 19.48 -36.57
C SER A 62 -3.31 20.16 -35.20
N ARG A 63 -4.43 20.03 -34.50
CA ARG A 63 -4.60 20.62 -33.17
C ARG A 63 -4.53 19.51 -32.13
N MET A 64 -3.60 19.65 -31.19
CA MET A 64 -3.37 18.64 -30.16
C MET A 64 -4.00 19.09 -28.85
N PHE A 65 -4.90 18.26 -28.32
CA PHE A 65 -5.68 18.59 -27.14
C PHE A 65 -5.03 17.99 -25.89
N LEU A 66 -5.73 18.05 -24.77
CA LEU A 66 -5.24 17.54 -23.50
C LEU A 66 -6.32 16.69 -22.83
N LEU A 67 -5.87 15.79 -21.97
CA LEU A 67 -6.77 14.90 -21.24
C LEU A 67 -6.49 15.01 -19.75
N VAL A 68 -7.52 15.35 -18.96
CA VAL A 68 -7.41 15.40 -17.52
C VAL A 68 -8.57 14.63 -16.91
N GLY A 69 -8.37 14.14 -15.68
CA GLY A 69 -9.34 13.31 -15.01
C GLY A 69 -9.96 14.02 -13.83
N ALA A 70 -11.24 13.72 -13.58
CA ALA A 70 -11.97 14.27 -12.45
C ALA A 70 -12.98 13.24 -11.96
N PRO A 71 -12.50 12.24 -11.19
CA PRO A 71 -13.40 11.15 -10.78
C PRO A 71 -14.55 11.59 -9.89
N LYS A 72 -14.44 12.75 -9.22
CA LYS A 72 -15.48 13.23 -8.32
C LYS A 72 -16.22 14.43 -8.89
N ALA A 73 -16.41 14.46 -10.21
CA ALA A 73 -17.11 15.54 -10.88
C ALA A 73 -18.52 15.07 -11.23
N ASN A 74 -19.52 15.84 -10.78
CA ASN A 74 -20.90 15.49 -11.07
C ASN A 74 -21.20 15.64 -12.56
N THR A 75 -21.95 14.69 -13.09
CA THR A 75 -22.32 14.66 -14.50
C THR A 75 -23.81 14.94 -14.65
N THR A 76 -24.26 14.94 -15.90
CA THR A 76 -25.66 15.18 -16.23
C THR A 76 -26.47 13.89 -16.33
N GLN A 77 -25.89 12.75 -15.96
CA GLN A 77 -26.58 11.48 -16.03
C GLN A 77 -27.66 11.39 -14.96
N PRO A 78 -28.79 10.75 -15.27
CA PRO A 78 -29.88 10.64 -14.28
C PRO A 78 -29.53 9.66 -13.18
N GLY A 79 -29.55 10.14 -11.93
CA GLY A 79 -29.31 9.29 -10.78
C GLY A 79 -27.86 9.01 -10.47
N ILE A 80 -26.93 9.58 -11.21
CA ILE A 80 -25.50 9.35 -11.01
C ILE A 80 -24.92 10.54 -10.27
N VAL A 81 -24.42 10.31 -9.06
CA VAL A 81 -23.80 11.35 -8.23
C VAL A 81 -22.31 11.08 -8.14
N GLU A 82 -21.52 12.12 -8.41
CA GLU A 82 -20.06 12.03 -8.39
C GLU A 82 -19.55 10.89 -9.27
N GLY A 83 -20.18 10.72 -10.43
CA GLY A 83 -19.77 9.66 -11.34
C GLY A 83 -18.38 9.87 -11.89
N GLY A 84 -18.05 11.11 -12.25
CA GLY A 84 -16.76 11.44 -12.79
C GLY A 84 -16.79 11.59 -14.30
N GLN A 85 -15.82 12.34 -14.82
CA GLN A 85 -15.71 12.58 -16.25
C GLN A 85 -14.26 12.90 -16.58
N VAL A 86 -13.93 12.78 -17.87
CA VAL A 86 -12.59 13.07 -18.38
C VAL A 86 -12.69 14.34 -19.20
N LEU A 87 -12.29 15.46 -18.61
CA LEU A 87 -12.34 16.75 -19.30
C LEU A 87 -11.22 16.85 -20.32
N LYS A 88 -11.52 17.48 -21.44
CA LYS A 88 -10.54 17.72 -22.50
C LYS A 88 -10.27 19.21 -22.59
N CYS A 89 -9.04 19.61 -22.35
CA CYS A 89 -8.64 21.01 -22.31
C CYS A 89 -7.81 21.34 -23.55
N ASP A 90 -8.01 22.53 -24.09
CA ASP A 90 -7.23 22.99 -25.23
C ASP A 90 -5.97 23.72 -24.76
N TRP A 91 -4.98 23.78 -25.65
CA TRP A 91 -3.70 24.39 -25.35
C TRP A 91 -3.60 25.83 -25.86
N SER A 92 -4.58 26.29 -26.62
CA SER A 92 -4.54 27.63 -27.21
C SER A 92 -4.59 28.70 -26.14
N SER A 93 -4.51 29.96 -26.57
CA SER A 93 -4.49 31.08 -25.64
C SER A 93 -5.75 31.12 -24.79
N THR A 94 -6.91 30.84 -25.40
CA THR A 94 -8.17 30.74 -24.66
C THR A 94 -8.23 29.35 -24.05
N ARG A 95 -7.68 29.22 -22.84
CA ARG A 95 -7.57 27.93 -22.16
C ARG A 95 -8.92 27.56 -21.54
N ARG A 96 -9.87 27.27 -22.42
CA ARG A 96 -11.19 26.80 -22.02
C ARG A 96 -11.23 25.28 -22.10
N CYS A 97 -11.98 24.66 -21.18
CA CYS A 97 -11.99 23.22 -21.08
C CYS A 97 -13.44 22.71 -21.05
N GLN A 98 -13.63 21.50 -21.55
CA GLN A 98 -14.94 20.87 -21.64
C GLN A 98 -14.76 19.37 -21.49
N PRO A 99 -15.76 18.67 -20.96
CA PRO A 99 -15.65 17.22 -20.79
C PRO A 99 -16.02 16.44 -22.04
N ILE A 100 -15.56 15.19 -22.08
CA ILE A 100 -15.81 14.29 -23.20
C ILE A 100 -16.97 13.38 -22.83
N GLU A 101 -17.93 13.25 -23.74
CA GLU A 101 -19.08 12.38 -23.52
C GLU A 101 -18.71 10.95 -23.89
N PHE A 102 -18.75 10.06 -22.90
CA PHE A 102 -18.44 8.64 -23.10
C PHE A 102 -19.66 7.75 -22.97
N ASP A 103 -20.40 7.86 -21.86
CA ASP A 103 -21.61 7.08 -21.63
C ASP A 103 -22.62 8.00 -20.95
N ALA A 104 -23.46 8.64 -21.75
CA ALA A 104 -24.43 9.60 -21.24
C ALA A 104 -25.79 8.92 -21.07
N THR A 105 -25.84 8.04 -20.06
CA THR A 105 -27.07 7.33 -19.74
C THR A 105 -27.04 6.93 -18.27
N GLY A 106 -28.22 6.58 -17.75
CA GLY A 106 -28.35 6.17 -16.37
C GLY A 106 -27.95 4.72 -16.18
N ASN A 107 -28.26 4.22 -14.98
CA ASN A 107 -27.95 2.84 -14.64
C ASN A 107 -28.77 1.88 -15.49
N ARG A 108 -28.13 0.83 -15.98
CA ARG A 108 -28.83 -0.20 -16.73
C ARG A 108 -29.70 -1.03 -15.79
N ASP A 109 -30.64 -1.76 -16.39
CA ASP A 109 -31.59 -2.57 -15.64
C ASP A 109 -31.54 -4.02 -16.11
N TYR A 110 -31.61 -4.95 -15.16
CA TYR A 110 -31.68 -6.38 -15.46
C TYR A 110 -33.09 -6.92 -15.36
N ALA A 111 -33.92 -6.33 -14.51
CA ALA A 111 -35.32 -6.71 -14.36
C ALA A 111 -36.10 -5.45 -13.98
N LYS A 112 -37.41 -5.61 -13.84
CA LYS A 112 -38.24 -4.48 -13.46
C LYS A 112 -37.88 -4.01 -12.05
N ASP A 113 -37.60 -2.71 -11.93
CA ASP A 113 -37.20 -2.10 -10.65
C ASP A 113 -35.97 -2.80 -10.07
N ASP A 114 -35.02 -3.16 -10.92
CA ASP A 114 -33.79 -3.83 -10.51
C ASP A 114 -32.62 -3.13 -11.18
N PRO A 115 -31.77 -2.45 -10.42
CA PRO A 115 -30.62 -1.73 -11.03
C PRO A 115 -29.51 -2.70 -11.41
N LEU A 116 -29.26 -2.81 -12.72
CA LEU A 116 -28.19 -3.68 -13.21
C LEU A 116 -26.82 -3.10 -12.94
N GLU A 117 -26.72 -1.79 -12.71
CA GLU A 117 -25.45 -1.14 -12.47
C GLU A 117 -25.58 -0.19 -11.28
N PHE A 118 -24.45 0.07 -10.64
CA PHE A 118 -24.35 1.06 -9.57
C PHE A 118 -23.20 1.98 -9.94
N LYS A 119 -23.49 2.98 -10.76
CA LYS A 119 -22.47 3.89 -11.27
C LYS A 119 -22.17 5.04 -10.31
N SER A 120 -22.88 5.13 -9.19
CA SER A 120 -22.57 6.15 -8.19
C SER A 120 -21.23 5.84 -7.54
N HIS A 121 -20.41 6.87 -7.38
CA HIS A 121 -19.07 6.74 -6.78
C HIS A 121 -18.23 5.71 -7.53
N GLN A 122 -18.33 5.72 -8.86
CA GLN A 122 -17.61 4.76 -9.69
C GLN A 122 -16.16 5.16 -9.96
N TRP A 123 -15.76 6.36 -9.55
CA TRP A 123 -14.39 6.85 -9.74
C TRP A 123 -13.97 6.78 -11.20
N PHE A 124 -14.89 7.13 -12.10
CA PHE A 124 -14.61 7.07 -13.52
C PHE A 124 -13.54 8.08 -13.91
N GLY A 125 -12.58 7.66 -14.73
CA GLY A 125 -11.49 8.51 -15.11
C GLY A 125 -10.27 8.45 -14.21
N ALA A 126 -10.16 7.42 -13.37
CA ALA A 126 -9.01 7.30 -12.48
C ALA A 126 -7.72 7.11 -13.27
N SER A 127 -7.77 6.31 -14.34
CA SER A 127 -6.61 6.06 -15.19
C SER A 127 -6.98 6.40 -16.63
N VAL A 128 -6.18 7.24 -17.27
CA VAL A 128 -6.42 7.69 -18.64
C VAL A 128 -5.13 7.51 -19.43
N ARG A 129 -5.22 6.76 -20.54
CA ARG A 129 -4.10 6.56 -21.44
C ARG A 129 -4.58 6.80 -22.87
N SER A 130 -3.76 7.50 -23.66
CA SER A 130 -4.15 7.91 -25.00
C SER A 130 -3.08 7.52 -26.02
N LYS A 131 -3.51 6.86 -27.09
CA LYS A 131 -2.66 6.57 -28.24
C LYS A 131 -2.85 7.72 -29.24
N GLN A 132 -2.38 7.54 -30.48
CA GLN A 132 -2.49 8.54 -31.53
C GLN A 132 -3.89 9.15 -31.61
N ASP A 133 -4.92 8.30 -31.70
CA ASP A 133 -6.29 8.78 -31.75
C ASP A 133 -7.24 7.97 -30.88
N LYS A 134 -6.73 7.10 -30.01
CA LYS A 134 -7.54 6.27 -29.14
C LYS A 134 -7.46 6.78 -27.72
N ILE A 135 -8.63 7.02 -27.10
CA ILE A 135 -8.72 7.49 -25.73
C ILE A 135 -9.35 6.38 -24.90
N LEU A 136 -8.65 5.98 -23.83
CA LEU A 136 -9.11 4.92 -22.94
C LEU A 136 -9.31 5.49 -21.55
N ALA A 137 -10.57 5.62 -21.13
CA ALA A 137 -10.92 6.06 -19.79
C ALA A 137 -11.49 4.86 -19.03
N CYS A 138 -10.95 4.61 -17.84
CA CYS A 138 -11.26 3.41 -17.08
C CYS A 138 -11.82 3.78 -15.71
N ALA A 139 -12.87 3.08 -15.31
CA ALA A 139 -13.47 3.24 -13.98
C ALA A 139 -13.14 2.01 -13.14
N PRO A 140 -12.31 2.14 -12.10
CA PRO A 140 -11.96 0.96 -11.29
C PRO A 140 -13.03 0.57 -10.28
N LEU A 141 -14.07 1.37 -10.10
CA LEU A 141 -15.14 1.09 -9.15
C LEU A 141 -16.46 0.89 -9.89
N TYR A 142 -16.43 0.14 -10.98
CA TYR A 142 -17.63 -0.17 -11.76
C TYR A 142 -18.32 -1.36 -11.09
N HIS A 143 -19.29 -1.07 -10.22
CA HIS A 143 -19.98 -2.11 -9.45
C HIS A 143 -21.06 -2.73 -10.31
N TRP A 144 -20.68 -3.76 -11.06
CA TRP A 144 -21.63 -4.53 -11.88
C TRP A 144 -22.14 -5.71 -11.07
N ARG A 145 -23.45 -5.73 -10.81
CA ARG A 145 -24.04 -6.88 -10.15
C ARG A 145 -23.99 -8.10 -11.06
N THR A 146 -23.67 -9.25 -10.48
CA THR A 146 -23.51 -10.46 -11.26
C THR A 146 -24.86 -10.97 -11.75
N GLU A 147 -24.81 -11.89 -12.71
CA GLU A 147 -26.04 -12.39 -13.33
C GLU A 147 -26.91 -13.12 -12.32
N MET A 148 -26.30 -13.92 -11.44
CA MET A 148 -27.04 -14.72 -10.48
C MET A 148 -26.87 -14.25 -9.04
N LYS A 149 -25.64 -13.97 -8.62
CA LYS A 149 -25.42 -13.54 -7.23
C LYS A 149 -25.82 -12.09 -7.01
N GLN A 150 -25.76 -11.27 -8.06
CA GLN A 150 -26.17 -9.86 -8.06
C GLN A 150 -25.69 -9.11 -6.81
N GLU A 151 -24.37 -9.11 -6.63
CA GLU A 151 -23.71 -8.38 -5.57
C GLU A 151 -22.97 -7.18 -6.15
N ARG A 152 -22.70 -6.20 -5.28
CA ARG A 152 -22.11 -4.93 -5.69
C ARG A 152 -20.59 -4.99 -5.83
N GLU A 153 -20.03 -6.17 -6.04
CA GLU A 153 -18.58 -6.29 -6.23
C GLU A 153 -18.16 -5.50 -7.46
N PRO A 154 -17.15 -4.63 -7.35
CA PRO A 154 -16.69 -3.85 -8.51
C PRO A 154 -15.71 -4.66 -9.35
N VAL A 155 -16.03 -4.83 -10.63
CA VAL A 155 -15.16 -5.57 -11.54
C VAL A 155 -14.21 -4.65 -12.29
N GLY A 156 -14.66 -3.46 -12.67
CA GLY A 156 -13.80 -2.51 -13.35
C GLY A 156 -13.85 -2.63 -14.85
N THR A 157 -14.34 -1.59 -15.53
CA THR A 157 -14.44 -1.56 -16.97
C THR A 157 -13.66 -0.36 -17.53
N CYS A 158 -13.68 -0.23 -18.85
CA CYS A 158 -12.98 0.84 -19.53
C CYS A 158 -13.80 1.31 -20.72
N PHE A 159 -13.53 2.54 -21.15
CA PHE A 159 -14.22 3.15 -22.28
C PHE A 159 -13.17 3.55 -23.31
N LEU A 160 -13.19 2.87 -24.47
CA LEU A 160 -12.26 3.14 -25.55
C LEU A 160 -12.96 3.93 -26.65
N GLN A 161 -12.38 5.07 -27.02
CA GLN A 161 -12.95 5.94 -28.05
C GLN A 161 -11.88 6.29 -29.06
N ASP A 162 -12.19 6.13 -30.34
CA ASP A 162 -11.30 6.50 -31.44
C ASP A 162 -12.18 7.11 -32.53
N GLY A 163 -12.35 8.43 -32.50
CA GLY A 163 -13.24 9.10 -33.41
C GLY A 163 -14.63 9.23 -32.84
N THR A 164 -15.65 9.30 -33.71
CA THR A 164 -17.02 9.42 -33.25
C THR A 164 -17.48 8.13 -32.55
N LYS A 165 -17.06 6.98 -33.06
CA LYS A 165 -17.51 5.71 -32.49
C LYS A 165 -16.84 5.44 -31.15
N THR A 166 -17.63 4.94 -30.20
CA THR A 166 -17.15 4.60 -28.86
C THR A 166 -17.56 3.18 -28.53
N VAL A 167 -16.69 2.48 -27.79
CA VAL A 167 -16.95 1.10 -27.37
C VAL A 167 -16.70 0.98 -25.88
N GLU A 168 -17.29 -0.06 -25.29
CA GLU A 168 -17.15 -0.37 -23.88
C GLU A 168 -16.34 -1.65 -23.72
N TYR A 169 -15.32 -1.61 -22.86
CA TYR A 169 -14.40 -2.72 -22.68
C TYR A 169 -14.50 -3.20 -21.24
N ALA A 170 -14.84 -4.48 -21.06
CA ALA A 170 -15.02 -5.09 -19.74
C ALA A 170 -14.22 -6.38 -19.67
N PRO A 171 -12.93 -6.31 -19.34
CA PRO A 171 -12.13 -7.55 -19.30
C PRO A 171 -12.43 -8.40 -18.08
N CYS A 172 -12.63 -7.79 -16.91
CA CYS A 172 -12.86 -8.53 -15.68
C CYS A 172 -14.28 -9.06 -15.57
N ARG A 173 -15.20 -8.61 -16.42
CA ARG A 173 -16.59 -9.07 -16.38
C ARG A 173 -16.70 -10.36 -17.17
N SER A 174 -16.85 -11.48 -16.47
CA SER A 174 -16.99 -12.79 -17.11
C SER A 174 -17.81 -13.69 -16.19
N GLN A 175 -17.86 -14.98 -16.53
CA GLN A 175 -18.72 -15.91 -15.80
C GLN A 175 -18.10 -16.42 -14.51
N ASP A 176 -16.81 -16.20 -14.28
CA ASP A 176 -16.19 -16.58 -13.01
C ASP A 176 -16.49 -15.47 -12.02
N ILE A 177 -17.52 -15.67 -11.21
CA ILE A 177 -18.02 -14.63 -10.32
C ILE A 177 -17.47 -14.86 -8.92
N ASP A 178 -17.66 -13.85 -8.05
CA ASP A 178 -17.18 -13.83 -6.67
C ASP A 178 -15.67 -13.62 -6.66
N ALA A 179 -15.12 -13.25 -5.50
CA ALA A 179 -13.72 -12.87 -5.39
C ALA A 179 -12.76 -14.01 -5.71
N ASP A 180 -13.26 -15.22 -5.96
CA ASP A 180 -12.37 -16.33 -6.29
C ASP A 180 -11.65 -16.08 -7.60
N GLY A 181 -12.40 -15.92 -8.70
CA GLY A 181 -11.77 -15.67 -9.98
C GLY A 181 -11.66 -14.21 -10.35
N GLN A 182 -12.79 -13.51 -10.43
CA GLN A 182 -12.77 -12.13 -10.92
C GLN A 182 -13.78 -11.22 -10.23
N GLY A 183 -14.28 -11.58 -9.05
CA GLY A 183 -15.33 -10.80 -8.43
C GLY A 183 -14.90 -9.39 -8.08
N PHE A 184 -13.75 -9.25 -7.43
CA PHE A 184 -13.16 -7.96 -7.10
C PHE A 184 -11.96 -7.65 -7.98
N CYS A 185 -12.06 -8.00 -9.26
CA CYS A 185 -10.95 -7.81 -10.19
C CYS A 185 -10.48 -6.36 -10.22
N GLN A 186 -11.42 -5.41 -10.18
CA GLN A 186 -11.12 -3.98 -10.19
C GLN A 186 -10.26 -3.63 -11.41
N GLY A 187 -10.86 -3.84 -12.59
CA GLY A 187 -10.15 -3.57 -13.83
C GLY A 187 -9.98 -2.09 -14.09
N GLY A 188 -9.00 -1.77 -14.92
CA GLY A 188 -8.72 -0.41 -15.29
C GLY A 188 -7.95 0.39 -14.26
N PHE A 189 -7.44 -0.26 -13.21
CA PHE A 189 -6.66 0.46 -12.21
C PHE A 189 -5.39 1.04 -12.80
N SER A 190 -4.70 0.27 -13.63
CA SER A 190 -3.48 0.72 -14.30
C SER A 190 -3.50 0.19 -15.73
N ILE A 191 -3.39 1.10 -16.70
CA ILE A 191 -3.48 0.75 -18.11
C ILE A 191 -2.28 1.35 -18.85
N ASP A 192 -1.99 0.76 -20.00
CA ASP A 192 -0.94 1.27 -20.89
C ASP A 192 -1.23 0.80 -22.30
N PHE A 193 -0.62 1.47 -23.27
CA PHE A 193 -0.82 1.18 -24.68
C PHE A 193 0.50 0.72 -25.29
N THR A 194 0.45 -0.37 -26.04
CA THR A 194 1.64 -0.93 -26.67
C THR A 194 1.80 -0.38 -28.09
N LYS A 195 3.06 -0.21 -28.49
CA LYS A 195 3.37 0.29 -29.83
C LYS A 195 2.84 -0.64 -30.92
N ALA A 196 2.64 -1.93 -30.61
CA ALA A 196 2.15 -2.91 -31.57
C ALA A 196 0.64 -2.92 -31.68
N ASP A 197 -0.02 -1.81 -31.34
CA ASP A 197 -1.49 -1.69 -31.38
C ASP A 197 -2.10 -2.72 -30.43
N ARG A 198 -1.76 -2.58 -29.15
CA ARG A 198 -2.22 -3.48 -28.10
C ARG A 198 -2.45 -2.69 -26.83
N VAL A 199 -3.36 -3.17 -25.98
CA VAL A 199 -3.70 -2.53 -24.73
C VAL A 199 -3.46 -3.51 -23.60
N LEU A 200 -2.74 -3.06 -22.57
CA LEU A 200 -2.47 -3.86 -21.38
C LEU A 200 -3.29 -3.32 -20.21
N LEU A 201 -4.01 -4.22 -19.53
CA LEU A 201 -4.85 -3.86 -18.40
C LEU A 201 -4.46 -4.73 -17.20
N GLY A 202 -4.31 -4.10 -16.05
CA GLY A 202 -3.98 -4.82 -14.84
C GLY A 202 -4.95 -4.59 -13.71
N GLY A 203 -5.51 -5.67 -13.16
CA GLY A 203 -6.41 -5.57 -12.04
C GLY A 203 -5.82 -6.21 -10.80
N PRO A 204 -5.47 -5.39 -9.81
CA PRO A 204 -4.79 -5.93 -8.61
C PRO A 204 -5.66 -6.81 -7.75
N GLY A 205 -6.98 -6.73 -7.87
CA GLY A 205 -7.87 -7.46 -6.99
C GLY A 205 -8.28 -8.84 -7.43
N SER A 206 -7.72 -9.35 -8.53
CA SER A 206 -8.10 -10.67 -9.02
C SER A 206 -7.51 -11.77 -8.15
N PHE A 207 -8.27 -12.85 -7.99
CA PHE A 207 -7.85 -14.05 -7.25
C PHE A 207 -7.46 -13.69 -5.81
N TYR A 208 -8.42 -13.12 -5.08
CA TYR A 208 -8.19 -12.60 -3.74
C TYR A 208 -6.99 -11.65 -3.72
N TRP A 209 -7.11 -10.59 -4.52
CA TRP A 209 -6.13 -9.51 -4.56
C TRP A 209 -4.75 -9.99 -4.97
N GLN A 210 -4.69 -11.07 -5.75
CA GLN A 210 -3.42 -11.50 -6.34
C GLN A 210 -3.03 -10.58 -7.50
N GLY A 211 -3.89 -10.51 -8.51
CA GLY A 211 -3.68 -9.63 -9.64
C GLY A 211 -3.80 -10.36 -10.96
N GLN A 212 -3.89 -9.56 -12.02
CA GLN A 212 -3.98 -10.08 -13.38
C GLN A 212 -3.40 -9.06 -14.34
N LEU A 213 -3.08 -9.54 -15.54
CA LEU A 213 -2.59 -8.68 -16.63
C LEU A 213 -3.33 -9.10 -17.89
N ILE A 214 -4.39 -8.38 -18.22
CA ILE A 214 -5.24 -8.70 -19.37
C ILE A 214 -4.80 -7.83 -20.53
N SER A 215 -4.28 -8.47 -21.57
CA SER A 215 -3.82 -7.77 -22.77
C SER A 215 -4.68 -8.18 -23.96
N ASP A 216 -5.23 -7.20 -24.67
CA ASP A 216 -6.12 -7.46 -25.79
C ASP A 216 -5.75 -6.57 -26.96
N GLN A 217 -6.10 -7.03 -28.16
CA GLN A 217 -5.91 -6.25 -29.37
C GLN A 217 -7.06 -5.26 -29.54
N VAL A 218 -6.71 -4.03 -29.96
CA VAL A 218 -7.73 -2.99 -30.12
C VAL A 218 -8.71 -3.37 -31.22
N ALA A 219 -8.22 -4.03 -32.28
CA ALA A 219 -9.09 -4.36 -33.41
C ALA A 219 -10.22 -5.28 -32.99
N GLU A 220 -9.93 -6.29 -32.17
CA GLU A 220 -10.97 -7.21 -31.73
C GLU A 220 -12.04 -6.50 -30.91
N ILE A 221 -11.62 -5.63 -29.99
CA ILE A 221 -12.59 -4.89 -29.16
C ILE A 221 -13.43 -3.98 -30.03
N VAL A 222 -12.79 -3.29 -30.99
CA VAL A 222 -13.53 -2.36 -31.85
C VAL A 222 -14.54 -3.09 -32.71
N SER A 223 -14.13 -4.22 -33.30
CA SER A 223 -15.02 -4.95 -34.20
C SER A 223 -16.15 -5.63 -33.44
N LYS A 224 -15.85 -6.25 -32.31
CA LYS A 224 -16.83 -7.01 -31.55
C LYS A 224 -17.32 -6.15 -30.39
N TYR A 225 -18.34 -5.33 -30.66
CA TYR A 225 -18.98 -4.50 -29.64
C TYR A 225 -20.48 -4.74 -29.70
N ASP A 226 -20.97 -5.63 -28.83
CA ASP A 226 -22.39 -5.93 -28.74
C ASP A 226 -22.91 -5.48 -27.38
N PRO A 227 -23.67 -4.38 -27.30
CA PRO A 227 -24.18 -3.94 -26.00
C PRO A 227 -25.10 -4.94 -25.32
N ASN A 228 -25.72 -5.85 -26.08
CA ASN A 228 -26.61 -6.84 -25.49
C ASN A 228 -25.85 -7.82 -24.60
N VAL A 229 -24.68 -8.27 -25.04
CA VAL A 229 -23.90 -9.26 -24.30
C VAL A 229 -23.00 -8.56 -23.30
N TYR A 230 -22.88 -9.14 -22.11
CA TYR A 230 -22.12 -8.55 -21.01
C TYR A 230 -20.76 -9.21 -20.81
N SER A 231 -20.70 -10.54 -20.85
CA SER A 231 -19.42 -11.24 -20.69
C SER A 231 -18.42 -10.78 -21.73
N ILE A 232 -18.89 -10.54 -22.97
CA ILE A 232 -18.11 -10.04 -24.11
C ILE A 232 -16.81 -10.82 -24.22
N LYS A 233 -16.92 -12.15 -24.16
CA LYS A 233 -15.75 -13.01 -24.28
C LYS A 233 -15.05 -12.81 -25.61
N TYR A 234 -13.73 -12.78 -25.59
CA TYR A 234 -12.93 -12.49 -26.77
C TYR A 234 -12.26 -13.76 -27.28
N ASN A 235 -11.63 -13.64 -28.45
CA ASN A 235 -10.94 -14.76 -29.07
C ASN A 235 -9.43 -14.72 -28.86
N ASN A 236 -8.85 -13.55 -28.59
CA ASN A 236 -7.42 -13.37 -28.40
C ASN A 236 -7.14 -12.72 -27.06
N GLN A 237 -7.80 -13.22 -26.01
CA GLN A 237 -7.67 -12.70 -24.65
C GLN A 237 -6.73 -13.60 -23.87
N LEU A 238 -5.55 -13.08 -23.53
CA LEU A 238 -4.57 -13.80 -22.72
C LEU A 238 -4.36 -13.05 -21.42
N ALA A 239 -4.38 -13.78 -20.31
CA ALA A 239 -4.21 -13.18 -18.99
C ALA A 239 -3.59 -14.20 -18.06
N THR A 240 -3.00 -13.71 -16.98
CA THR A 240 -2.37 -14.58 -15.99
C THR A 240 -3.43 -15.39 -15.26
N ARG A 241 -3.10 -16.65 -14.97
CA ARG A 241 -4.00 -17.55 -14.26
C ARG A 241 -3.77 -17.44 -12.76
N THR A 242 -4.63 -18.12 -12.00
CA THR A 242 -4.53 -18.08 -10.54
C THR A 242 -3.26 -18.77 -10.07
N ALA A 243 -2.64 -18.18 -9.05
CA ALA A 243 -1.41 -18.72 -8.47
C ALA A 243 -1.75 -19.62 -7.28
N GLN A 244 -0.74 -20.00 -6.51
CA GLN A 244 -0.94 -20.84 -5.35
C GLN A 244 -1.63 -20.07 -4.22
N ALA A 245 -2.01 -20.81 -3.18
CA ALA A 245 -2.70 -20.20 -2.05
C ALA A 245 -1.81 -19.21 -1.32
N ILE A 246 -0.53 -19.55 -1.15
CA ILE A 246 0.39 -18.66 -0.44
C ILE A 246 0.66 -17.37 -1.22
N PHE A 247 0.32 -17.34 -2.50
CA PHE A 247 0.52 -16.15 -3.32
C PHE A 247 -0.61 -15.13 -3.15
N ASP A 248 -1.52 -15.34 -2.21
CA ASP A 248 -2.63 -14.42 -2.00
C ASP A 248 -2.11 -13.04 -1.61
N ASP A 249 -2.94 -12.02 -1.89
CA ASP A 249 -2.61 -10.63 -1.59
C ASP A 249 -1.28 -10.22 -2.24
N SER A 250 -1.27 -10.27 -3.57
CA SER A 250 -0.08 -9.96 -4.35
C SER A 250 -0.15 -8.63 -5.06
N TYR A 251 -1.36 -8.14 -5.38
CA TYR A 251 -1.55 -6.85 -6.04
C TYR A 251 -0.79 -6.78 -7.36
N LEU A 252 -0.82 -7.87 -8.12
CA LEU A 252 -0.21 -7.88 -9.44
C LEU A 252 -0.98 -6.95 -10.38
N GLY A 253 -0.24 -6.26 -11.24
CA GLY A 253 -0.87 -5.28 -12.10
C GLY A 253 -1.14 -3.94 -11.46
N TYR A 254 -0.49 -3.66 -10.32
CA TYR A 254 -0.67 -2.39 -9.65
C TYR A 254 -0.16 -1.23 -10.51
N SER A 255 0.90 -1.48 -11.28
CA SER A 255 1.43 -0.49 -12.20
C SER A 255 2.02 -1.23 -13.40
N VAL A 256 1.64 -0.83 -14.61
CA VAL A 256 2.03 -1.53 -15.82
C VAL A 256 2.88 -0.61 -16.69
N ALA A 257 3.70 -1.23 -17.52
CA ALA A 257 4.57 -0.52 -18.45
C ALA A 257 4.87 -1.43 -19.63
N VAL A 258 5.35 -0.83 -20.71
CA VAL A 258 5.67 -1.55 -21.94
C VAL A 258 7.12 -1.27 -22.31
N GLY A 259 7.84 -2.33 -22.70
CA GLY A 259 9.22 -2.19 -23.10
C GLY A 259 9.72 -3.47 -23.74
N ASP A 260 10.80 -3.33 -24.50
CA ASP A 260 11.40 -4.45 -25.23
C ASP A 260 12.65 -4.88 -24.48
N PHE A 261 12.71 -6.17 -24.14
CA PHE A 261 13.85 -6.73 -23.41
C PHE A 261 14.58 -7.81 -24.21
N ASN A 262 13.86 -8.81 -24.71
CA ASN A 262 14.48 -9.90 -25.43
C ASN A 262 14.78 -9.57 -26.89
N GLY A 263 14.33 -8.41 -27.38
CA GLY A 263 14.59 -8.02 -28.74
C GLY A 263 13.88 -8.86 -29.79
N ASP A 264 12.55 -8.96 -29.67
CA ASP A 264 11.75 -9.71 -30.62
C ASP A 264 10.76 -8.83 -31.38
N GLY A 265 10.79 -7.52 -31.20
CA GLY A 265 9.92 -6.61 -31.92
C GLY A 265 8.60 -6.31 -31.24
N ILE A 266 8.30 -6.95 -30.12
CA ILE A 266 7.06 -6.71 -29.38
C ILE A 266 7.42 -6.31 -27.96
N ASP A 267 6.70 -5.31 -27.43
CA ASP A 267 6.98 -4.82 -26.09
C ASP A 267 6.52 -5.81 -25.03
N ASP A 268 7.38 -6.08 -24.06
CA ASP A 268 7.03 -6.95 -22.95
C ASP A 268 6.26 -6.15 -21.89
N PHE A 269 5.73 -6.88 -20.91
CA PHE A 269 4.90 -6.31 -19.87
C PHE A 269 5.65 -6.30 -18.54
N VAL A 270 5.64 -5.16 -17.86
CA VAL A 270 6.26 -4.99 -16.55
C VAL A 270 5.17 -4.62 -15.55
N SER A 271 5.09 -5.37 -14.46
CA SER A 271 4.08 -5.16 -13.44
C SER A 271 4.74 -4.98 -12.08
N GLY A 272 4.15 -4.09 -11.27
CA GLY A 272 4.66 -3.86 -9.93
C GLY A 272 3.92 -4.72 -8.93
N VAL A 273 4.69 -5.38 -8.06
CA VAL A 273 4.14 -6.31 -7.09
C VAL A 273 4.62 -5.92 -5.70
N PRO A 274 3.98 -4.96 -5.03
CA PRO A 274 4.44 -4.48 -3.72
C PRO A 274 3.92 -5.26 -2.52
N ARG A 275 3.31 -6.43 -2.71
CA ARG A 275 2.73 -7.18 -1.62
C ARG A 275 3.13 -8.64 -1.57
N ALA A 276 3.82 -9.16 -2.58
CA ALA A 276 4.23 -10.56 -2.57
C ALA A 276 5.52 -10.73 -1.77
N ALA A 277 6.02 -11.97 -1.73
CA ALA A 277 7.22 -12.33 -0.99
C ALA A 277 7.12 -11.92 0.47
N ARG A 278 6.05 -12.39 1.12
CA ARG A 278 5.71 -12.06 2.51
C ARG A 278 5.93 -10.58 2.81
N THR A 279 5.31 -9.74 1.97
CA THR A 279 5.32 -8.29 2.10
C THR A 279 6.77 -7.75 2.09
N LEU A 280 7.39 -7.95 0.94
CA LEU A 280 8.74 -7.46 0.71
C LEU A 280 8.86 -6.55 -0.51
N GLY A 281 8.09 -6.82 -1.56
CA GLY A 281 8.15 -6.02 -2.77
C GLY A 281 8.80 -6.77 -3.92
N MET A 282 8.10 -6.84 -5.05
CA MET A 282 8.60 -7.57 -6.22
C MET A 282 8.16 -6.85 -7.48
N VAL A 283 8.81 -7.19 -8.59
CA VAL A 283 8.44 -6.71 -9.91
C VAL A 283 8.46 -7.90 -10.86
N TYR A 284 7.34 -8.14 -11.53
CA TYR A 284 7.20 -9.27 -12.45
C TYR A 284 7.27 -8.77 -13.89
N ILE A 285 8.10 -9.41 -14.70
CA ILE A 285 8.23 -9.10 -16.11
C ILE A 285 7.69 -10.28 -16.91
N TYR A 286 6.70 -10.02 -17.74
CA TYR A 286 6.05 -11.04 -18.56
C TYR A 286 6.38 -10.81 -20.03
N ASP A 287 5.81 -11.66 -20.87
CA ASP A 287 5.98 -11.59 -22.31
C ASP A 287 4.64 -11.27 -22.98
N GLY A 288 4.68 -10.38 -23.97
CA GLY A 288 3.47 -10.01 -24.67
C GLY A 288 2.92 -11.08 -25.59
N LYS A 289 3.72 -12.11 -25.87
CA LYS A 289 3.27 -13.17 -26.78
C LYS A 289 2.39 -14.18 -26.06
N ASN A 290 2.92 -14.85 -25.03
CA ASN A 290 2.17 -15.88 -24.32
C ASN A 290 2.42 -15.83 -22.82
N MET A 291 2.75 -14.66 -22.29
CA MET A 291 2.97 -14.44 -20.86
C MET A 291 4.05 -15.38 -20.31
N SER A 292 5.26 -15.18 -20.80
CA SER A 292 6.44 -15.89 -20.32
C SER A 292 7.23 -14.98 -19.38
N SER A 293 7.63 -15.51 -18.24
CA SER A 293 8.34 -14.73 -17.23
C SER A 293 9.81 -14.63 -17.64
N LEU A 294 10.24 -13.42 -18.00
CA LEU A 294 11.62 -13.21 -18.41
C LEU A 294 12.54 -12.99 -17.21
N TYR A 295 12.27 -11.95 -16.43
CA TYR A 295 13.10 -11.60 -15.29
C TYR A 295 12.21 -11.32 -14.08
N ASN A 296 12.85 -11.05 -12.94
CA ASN A 296 12.15 -10.74 -11.71
C ASN A 296 12.99 -9.79 -10.87
N PHE A 297 12.34 -9.09 -9.96
CA PHE A 297 13.00 -8.15 -9.06
C PHE A 297 12.49 -8.36 -7.64
N THR A 298 13.35 -8.03 -6.67
CA THR A 298 13.02 -8.22 -5.26
C THR A 298 13.51 -7.02 -4.47
N GLY A 299 12.65 -6.52 -3.57
CA GLY A 299 13.04 -5.43 -2.70
C GLY A 299 13.95 -5.88 -1.57
N GLU A 300 14.67 -4.92 -0.99
CA GLU A 300 15.60 -5.21 0.08
C GLU A 300 14.98 -5.03 1.46
N GLN A 301 14.15 -4.01 1.64
CA GLN A 301 13.52 -3.73 2.92
C GLN A 301 12.11 -4.29 2.95
N MET A 302 11.71 -4.81 4.09
CA MET A 302 10.35 -5.34 4.26
C MET A 302 9.34 -4.19 4.33
N ALA A 303 8.21 -4.37 3.64
CA ALA A 303 7.15 -3.37 3.58
C ALA A 303 7.67 -2.02 3.10
N ALA A 304 8.51 -2.05 2.07
CA ALA A 304 9.13 -0.86 1.52
C ALA A 304 8.45 -0.36 0.26
N TYR A 305 7.32 -0.97 -0.14
CA TYR A 305 6.57 -0.58 -1.33
C TYR A 305 7.45 -0.63 -2.59
N PHE A 306 8.11 -1.77 -2.79
CA PHE A 306 8.91 -1.97 -4.00
C PHE A 306 7.98 -2.32 -5.16
N GLY A 307 8.03 -1.52 -6.22
CA GLY A 307 7.16 -1.72 -7.35
C GLY A 307 5.86 -0.96 -7.32
N PHE A 308 5.75 0.10 -6.51
CA PHE A 308 4.52 0.88 -6.47
C PHE A 308 4.24 1.53 -7.82
N SER A 309 5.27 2.08 -8.46
CA SER A 309 5.15 2.70 -9.77
C SER A 309 6.36 2.31 -10.60
N VAL A 310 6.11 1.71 -11.76
CA VAL A 310 7.17 1.23 -12.64
C VAL A 310 7.00 1.87 -14.01
N ALA A 311 8.11 2.34 -14.57
CA ALA A 311 8.14 2.93 -15.90
C ALA A 311 9.27 2.31 -16.70
N ALA A 312 9.03 2.15 -18.00
CA ALA A 312 9.99 1.52 -18.91
C ALA A 312 10.41 2.53 -19.96
N THR A 313 11.65 3.00 -19.88
CA THR A 313 12.20 3.93 -20.87
C THR A 313 13.71 3.82 -20.83
N ASP A 314 14.33 4.28 -21.92
CA ASP A 314 15.78 4.26 -22.05
C ASP A 314 16.39 5.49 -21.40
N ILE A 315 17.56 5.33 -20.78
CA ILE A 315 18.21 6.42 -20.08
C ILE A 315 19.64 6.68 -20.56
N ASN A 316 20.31 5.69 -21.14
CA ASN A 316 21.70 5.85 -21.59
C ASN A 316 21.84 5.80 -23.11
N GLY A 317 20.73 5.76 -23.84
CA GLY A 317 20.78 5.77 -25.30
C GLY A 317 21.44 4.55 -25.92
N ASP A 318 21.21 3.37 -25.36
CA ASP A 318 21.73 2.13 -25.92
C ASP A 318 20.71 1.34 -26.71
N ASP A 319 19.50 1.90 -26.90
CA ASP A 319 18.30 1.40 -27.57
C ASP A 319 17.60 0.30 -26.76
N TYR A 320 18.05 0.05 -25.53
CA TYR A 320 17.44 -0.95 -24.67
C TYR A 320 16.56 -0.27 -23.63
N ALA A 321 15.34 -0.78 -23.46
CA ALA A 321 14.39 -0.20 -22.52
C ALA A 321 14.73 -0.62 -21.10
N ASP A 322 15.09 0.34 -20.26
CA ASP A 322 15.40 0.09 -18.87
C ASP A 322 14.12 0.10 -18.02
N VAL A 323 14.26 -0.34 -16.77
CA VAL A 323 13.14 -0.42 -15.84
C VAL A 323 13.42 0.53 -14.68
N PHE A 324 12.45 1.40 -14.38
CA PHE A 324 12.54 2.34 -13.27
C PHE A 324 11.51 1.95 -12.22
N ILE A 325 11.97 1.75 -10.99
CA ILE A 325 11.12 1.31 -9.89
C ILE A 325 11.29 2.28 -8.74
N GLY A 326 10.18 2.76 -8.19
CA GLY A 326 10.20 3.72 -7.10
C GLY A 326 9.48 3.18 -5.88
N ALA A 327 10.06 3.42 -4.71
CA ALA A 327 9.48 3.00 -3.43
C ALA A 327 9.16 4.24 -2.60
N PRO A 328 7.89 4.63 -2.49
CA PRO A 328 7.57 5.86 -1.74
C PRO A 328 7.93 5.78 -0.27
N LEU A 329 7.51 4.73 0.42
CA LEU A 329 7.74 4.58 1.86
C LEU A 329 8.94 3.66 2.06
N PHE A 330 10.12 4.26 2.14
CA PHE A 330 11.37 3.54 2.38
C PHE A 330 12.08 4.18 3.56
N MET A 331 12.52 3.35 4.50
CA MET A 331 13.20 3.81 5.71
C MET A 331 14.68 3.49 5.60
N ASP A 332 15.52 4.49 5.87
CA ASP A 332 16.96 4.34 5.80
C ASP A 332 17.58 4.58 7.17
N ARG A 333 18.77 4.01 7.37
CA ARG A 333 19.49 4.13 8.64
C ARG A 333 20.44 5.32 8.58
N GLY A 334 20.35 6.19 9.58
CA GLY A 334 21.20 7.35 9.67
C GLY A 334 22.49 7.05 10.43
N SER A 335 23.23 8.13 10.72
CA SER A 335 24.47 7.99 11.48
C SER A 335 24.20 7.46 12.88
N ASP A 336 23.15 7.94 13.53
CA ASP A 336 22.78 7.49 14.87
C ASP A 336 21.81 6.31 14.86
N GLY A 337 21.46 5.80 13.69
CA GLY A 337 20.54 4.68 13.60
C GLY A 337 19.08 5.05 13.62
N LYS A 338 18.75 6.34 13.58
CA LYS A 338 17.36 6.77 13.57
C LYS A 338 16.77 6.58 12.18
N LEU A 339 15.71 5.79 12.08
CA LEU A 339 15.08 5.52 10.79
C LEU A 339 14.28 6.73 10.33
N GLN A 340 14.46 7.11 9.07
CA GLN A 340 13.73 8.21 8.46
C GLN A 340 13.07 7.74 7.18
N GLU A 341 11.82 8.13 6.97
CA GLU A 341 11.07 7.75 5.78
C GLU A 341 11.26 8.84 4.73
N VAL A 342 12.25 8.63 3.86
CA VAL A 342 12.54 9.57 2.80
C VAL A 342 12.18 9.03 1.42
N GLY A 343 12.12 7.72 1.24
CA GLY A 343 11.82 7.12 -0.04
C GLY A 343 13.06 6.69 -0.79
N GLN A 344 12.89 5.74 -1.70
CA GLN A 344 13.99 5.20 -2.47
C GLN A 344 13.48 4.81 -3.86
N VAL A 345 14.25 5.17 -4.88
CA VAL A 345 13.94 4.81 -6.26
C VAL A 345 15.09 3.98 -6.80
N SER A 346 14.77 2.82 -7.36
CA SER A 346 15.75 1.89 -7.89
C SER A 346 15.71 1.93 -9.41
N VAL A 347 16.89 2.02 -10.02
CA VAL A 347 17.03 2.09 -11.47
C VAL A 347 17.78 0.84 -11.93
N SER A 348 17.22 0.14 -12.91
CA SER A 348 17.80 -1.09 -13.44
C SER A 348 18.34 -0.81 -14.83
N LEU A 349 19.64 -1.05 -15.02
CA LEU A 349 20.31 -0.83 -16.30
C LEU A 349 20.43 -2.17 -17.02
N GLN A 350 19.62 -2.36 -18.05
CA GLN A 350 19.63 -3.59 -18.82
C GLN A 350 20.84 -3.63 -19.76
N ARG A 351 21.42 -4.80 -19.91
CA ARG A 351 22.54 -5.03 -20.82
C ARG A 351 22.13 -6.03 -21.89
N ALA A 352 23.05 -6.28 -22.83
CA ALA A 352 22.78 -7.20 -23.92
C ALA A 352 22.57 -8.62 -23.42
N SER A 353 23.37 -9.05 -22.44
CA SER A 353 23.24 -10.41 -21.92
C SER A 353 21.89 -10.63 -21.26
N GLY A 354 21.43 -9.66 -20.48
CA GLY A 354 20.15 -9.78 -19.80
C GLY A 354 20.22 -9.45 -18.33
N ASP A 355 21.43 -9.36 -17.79
CA ASP A 355 21.60 -9.04 -16.39
C ASP A 355 21.18 -7.60 -16.11
N PHE A 356 20.68 -7.37 -14.90
CA PHE A 356 20.18 -6.07 -14.49
C PHE A 356 21.07 -5.49 -13.40
N GLN A 357 21.52 -4.26 -13.62
CA GLN A 357 22.31 -3.53 -12.62
C GLN A 357 21.41 -2.55 -11.91
N THR A 358 21.25 -2.74 -10.60
CA THR A 358 20.31 -1.96 -9.80
C THR A 358 21.05 -0.90 -8.99
N THR A 359 20.62 0.35 -9.12
CA THR A 359 21.16 1.47 -8.37
C THR A 359 20.04 2.09 -7.56
N LYS A 360 20.31 2.36 -6.28
CA LYS A 360 19.30 2.87 -5.36
C LYS A 360 19.48 4.37 -5.17
N LEU A 361 18.41 5.12 -5.41
CA LEU A 361 18.40 6.58 -5.21
C LEU A 361 17.58 6.88 -3.97
N ASN A 362 18.24 7.36 -2.92
CA ASN A 362 17.56 7.65 -1.67
C ASN A 362 16.78 8.95 -1.78
N GLY A 363 15.88 9.16 -0.81
CA GLY A 363 15.07 10.36 -0.78
C GLY A 363 15.84 11.57 -0.28
N PHE A 364 15.17 12.72 -0.36
CA PHE A 364 15.78 14.00 0.02
C PHE A 364 15.14 14.61 1.25
N GLU A 365 13.86 14.40 1.50
CA GLU A 365 13.16 14.97 2.64
C GLU A 365 12.36 13.88 3.35
N VAL A 366 12.29 13.99 4.67
CA VAL A 366 11.58 13.01 5.48
C VAL A 366 10.08 13.13 5.22
N PHE A 367 9.43 11.98 5.04
CA PHE A 367 7.99 11.90 4.82
C PHE A 367 7.56 12.66 3.55
N ALA A 368 8.44 12.72 2.56
CA ALA A 368 8.11 13.34 1.29
C ALA A 368 7.52 12.37 0.28
N ARG A 369 7.55 11.07 0.58
CA ARG A 369 7.05 10.04 -0.33
C ARG A 369 7.72 10.14 -1.70
N PHE A 370 9.05 10.26 -1.67
CA PHE A 370 9.82 10.35 -2.91
C PHE A 370 9.68 9.06 -3.71
N GLY A 371 9.30 9.20 -4.98
CA GLY A 371 9.07 8.08 -5.85
C GLY A 371 7.63 7.65 -6.01
N SER A 372 6.67 8.45 -5.52
CA SER A 372 5.27 8.07 -5.63
C SER A 372 4.83 8.02 -7.09
N ALA A 373 5.24 8.99 -7.90
CA ALA A 373 4.88 9.05 -9.31
C ALA A 373 6.13 9.16 -10.16
N ILE A 374 6.27 8.27 -11.12
CA ILE A 374 7.39 8.27 -12.06
C ILE A 374 6.83 8.29 -13.47
N ALA A 375 7.32 9.24 -14.28
CA ALA A 375 6.87 9.36 -15.66
C ALA A 375 8.02 9.79 -16.56
N PRO A 376 8.34 9.03 -17.59
CA PRO A 376 9.43 9.43 -18.49
C PRO A 376 9.09 10.71 -19.25
N LEU A 377 10.12 11.50 -19.53
CA LEU A 377 10.00 12.72 -20.30
C LEU A 377 10.66 12.64 -21.67
N GLY A 378 11.34 11.53 -21.98
CA GLY A 378 12.05 11.45 -23.23
C GLY A 378 13.27 12.36 -23.23
N ASP A 379 13.70 12.71 -24.44
CA ASP A 379 14.85 13.58 -24.63
C ASP A 379 14.39 15.03 -24.40
N LEU A 380 14.36 15.43 -23.14
CA LEU A 380 13.81 16.75 -22.78
C LEU A 380 14.67 17.87 -23.36
N ASP A 381 15.99 17.78 -23.21
CA ASP A 381 16.90 18.80 -23.68
C ASP A 381 17.57 18.46 -25.00
N GLN A 382 17.17 17.36 -25.63
CA GLN A 382 17.68 16.94 -26.94
C GLN A 382 19.21 16.82 -26.94
N ASP A 383 19.75 16.18 -25.91
CA ASP A 383 21.16 15.87 -25.83
C ASP A 383 21.47 14.41 -26.12
N GLY A 384 20.51 13.70 -26.73
CA GLY A 384 20.68 12.29 -27.01
C GLY A 384 20.09 11.39 -25.94
N PHE A 385 20.63 11.47 -24.72
CA PHE A 385 20.11 10.68 -23.62
C PHE A 385 18.77 11.22 -23.17
N ASN A 386 17.85 10.30 -22.83
CA ASN A 386 16.53 10.69 -22.38
C ASN A 386 16.56 11.13 -20.92
N ASP A 387 15.46 11.75 -20.48
CA ASP A 387 15.33 12.24 -19.13
C ASP A 387 14.07 11.69 -18.49
N ILE A 388 14.10 11.61 -17.15
CA ILE A 388 12.97 11.12 -16.37
C ILE A 388 12.72 12.09 -15.22
N ALA A 389 11.49 12.05 -14.69
CA ALA A 389 11.09 12.92 -13.61
C ALA A 389 10.53 12.10 -12.46
N ILE A 390 11.00 12.38 -11.26
CA ILE A 390 10.49 11.76 -10.03
C ILE A 390 10.01 12.88 -9.11
N ALA A 391 8.79 12.76 -8.63
CA ALA A 391 8.15 13.81 -7.86
C ALA A 391 7.80 13.32 -6.46
N ALA A 392 7.92 14.22 -5.48
CA ALA A 392 7.51 13.95 -4.11
C ALA A 392 6.25 14.74 -3.82
N PRO A 393 5.07 14.11 -3.75
CA PRO A 393 3.82 14.89 -3.62
C PRO A 393 3.61 15.51 -2.26
N TYR A 394 4.39 15.13 -1.24
CA TYR A 394 4.17 15.63 0.12
C TYR A 394 5.45 16.22 0.71
N GLY A 395 6.29 16.81 -0.14
CA GLY A 395 7.49 17.49 0.32
C GLY A 395 7.31 19.01 0.35
N GLY A 396 8.40 19.67 0.73
CA GLY A 396 8.41 21.12 0.77
C GLY A 396 7.74 21.68 1.99
N GLU A 397 7.65 23.01 2.01
CA GLU A 397 7.01 23.70 3.13
C GLU A 397 5.51 23.55 3.06
N ASP A 398 4.90 23.20 4.20
CA ASP A 398 3.45 23.05 4.32
C ASP A 398 2.91 21.96 3.39
N LYS A 399 3.79 21.04 3.00
CA LYS A 399 3.45 19.91 2.13
C LYS A 399 2.81 20.40 0.83
N LYS A 400 3.57 21.20 0.09
CA LYS A 400 3.13 21.74 -1.19
C LYS A 400 3.56 20.89 -2.37
N GLY A 401 4.26 19.78 -2.13
CA GLY A 401 4.70 18.91 -3.21
C GLY A 401 5.98 19.39 -3.88
N ILE A 402 6.90 18.46 -4.11
CA ILE A 402 8.18 18.78 -4.74
C ILE A 402 8.37 17.84 -5.93
N VAL A 403 8.78 18.38 -7.07
CA VAL A 403 9.03 17.61 -8.27
C VAL A 403 10.50 17.75 -8.64
N TYR A 404 11.17 16.62 -8.81
CA TYR A 404 12.59 16.59 -9.16
C TYR A 404 12.76 16.15 -10.61
N ILE A 405 13.67 16.81 -11.32
CA ILE A 405 13.98 16.51 -12.71
C ILE A 405 15.37 15.89 -12.74
N PHE A 406 15.47 14.69 -13.30
CA PHE A 406 16.73 13.96 -13.39
C PHE A 406 17.13 13.80 -14.85
N ASN A 407 18.41 14.07 -15.14
CA ASN A 407 18.93 13.93 -16.49
C ASN A 407 19.43 12.50 -16.70
N GLY A 408 20.14 12.27 -17.79
CA GLY A 408 20.63 10.93 -18.11
C GLY A 408 22.10 10.94 -18.50
N ARG A 409 22.78 9.85 -18.15
CA ARG A 409 24.19 9.67 -18.45
C ARG A 409 24.40 8.33 -19.14
N SER A 410 25.64 8.07 -19.56
CA SER A 410 25.98 6.77 -20.12
C SER A 410 25.87 5.66 -19.08
N THR A 411 26.28 5.95 -17.85
CA THR A 411 26.22 4.99 -16.74
C THR A 411 25.14 5.47 -15.77
N GLY A 412 23.92 4.97 -15.96
CA GLY A 412 22.83 5.39 -15.09
C GLY A 412 22.41 6.83 -15.37
N LEU A 413 21.90 7.48 -14.32
CA LEU A 413 21.45 8.85 -14.39
C LEU A 413 22.09 9.66 -13.28
N ASN A 414 22.13 10.98 -13.47
CA ASN A 414 22.74 11.87 -12.50
C ASN A 414 22.02 11.80 -11.17
N ALA A 415 22.77 11.60 -10.09
CA ALA A 415 22.18 11.40 -8.78
C ALA A 415 21.47 12.65 -8.28
N VAL A 416 22.16 13.79 -8.32
CA VAL A 416 21.60 15.05 -7.84
C VAL A 416 20.55 15.53 -8.84
N PRO A 417 19.46 16.16 -8.38
CA PRO A 417 18.45 16.66 -9.31
C PRO A 417 18.96 17.82 -10.14
N SER A 418 18.39 17.97 -11.34
CA SER A 418 18.77 19.04 -12.24
C SER A 418 17.84 20.24 -12.17
N GLN A 419 16.60 20.05 -11.69
CA GLN A 419 15.64 21.13 -11.57
C GLN A 419 14.64 20.77 -10.48
N ILE A 420 14.17 21.80 -9.77
CA ILE A 420 13.23 21.64 -8.67
C ILE A 420 11.95 22.40 -9.02
N LEU A 421 10.81 21.71 -8.92
CA LEU A 421 9.50 22.30 -9.15
C LEU A 421 8.71 22.26 -7.86
N GLU A 422 8.08 23.39 -7.51
CA GLU A 422 7.36 23.53 -6.26
C GLU A 422 5.92 23.97 -6.53
N GLY A 423 5.00 23.49 -5.69
CA GLY A 423 3.62 23.90 -5.80
C GLY A 423 3.38 25.27 -5.18
N GLN A 424 2.53 26.05 -5.84
CA GLN A 424 2.23 27.41 -5.42
C GLN A 424 0.89 27.54 -4.73
N TRP A 425 0.25 26.42 -4.39
CA TRP A 425 -1.07 26.43 -3.76
C TRP A 425 -1.01 25.71 -2.43
N ALA A 426 -1.64 26.30 -1.41
CA ALA A 426 -1.66 25.73 -0.07
C ALA A 426 -2.79 24.70 0.04
N ALA A 427 -2.94 24.14 1.24
CA ALA A 427 -3.94 23.11 1.48
C ALA A 427 -5.30 23.76 1.74
N ARG A 428 -6.28 23.43 0.90
CA ARG A 428 -7.64 23.91 1.11
C ARG A 428 -8.25 23.28 2.35
N SER A 429 -8.12 21.96 2.49
CA SER A 429 -8.70 21.23 3.62
C SER A 429 -7.65 20.33 4.26
N GLY A 430 -8.10 19.42 5.14
CA GLY A 430 -7.16 18.51 5.79
C GLY A 430 -6.43 17.62 4.80
N CYS A 431 -7.12 17.18 3.76
CA CYS A 431 -6.49 16.37 2.73
C CYS A 431 -5.54 17.24 1.92
N PRO A 432 -4.25 16.91 1.86
CA PRO A 432 -3.27 17.83 1.25
C PRO A 432 -3.44 17.90 -0.25
N PRO A 433 -2.99 19.00 -0.88
CA PRO A 433 -3.10 19.10 -2.35
C PRO A 433 -2.37 18.01 -3.09
N SER A 434 -1.22 17.56 -2.57
CA SER A 434 -0.41 16.50 -3.18
C SER A 434 -0.05 16.85 -4.63
N PHE A 435 0.69 17.94 -4.78
CA PHE A 435 1.16 18.34 -6.10
C PHE A 435 2.18 17.35 -6.63
N GLY A 436 1.98 16.88 -7.86
CA GLY A 436 2.86 15.89 -8.45
C GLY A 436 2.46 14.46 -8.20
N TYR A 437 1.21 14.19 -7.84
CA TYR A 437 0.77 12.82 -7.61
C TYR A 437 0.70 12.00 -8.89
N SER A 438 0.53 12.65 -10.04
CA SER A 438 0.47 11.96 -11.32
C SER A 438 0.78 12.95 -12.42
N MET A 439 1.59 12.53 -13.39
CA MET A 439 2.02 13.41 -14.46
C MET A 439 2.24 12.60 -15.73
N LYS A 440 2.05 13.26 -16.87
CA LYS A 440 2.32 12.69 -18.18
C LYS A 440 3.32 13.57 -18.93
N GLY A 441 4.11 12.94 -19.79
CA GLY A 441 5.12 13.66 -20.53
C GLY A 441 5.50 12.95 -21.81
N ALA A 442 6.65 13.34 -22.34
CA ALA A 442 7.19 12.76 -23.58
C ALA A 442 6.22 12.94 -24.75
N THR A 443 5.67 14.15 -24.87
CA THR A 443 4.75 14.46 -25.96
C THR A 443 4.87 15.94 -26.28
N ASP A 444 5.36 16.26 -27.48
CA ASP A 444 5.50 17.65 -27.90
C ASP A 444 4.16 18.21 -28.32
N ILE A 445 3.87 19.43 -27.87
CA ILE A 445 2.59 20.08 -28.12
C ILE A 445 2.76 21.38 -28.91
N ASP A 446 3.80 22.16 -28.61
CA ASP A 446 4.04 23.41 -29.31
C ASP A 446 4.94 23.24 -30.53
N LYS A 447 5.27 22.00 -30.88
CA LYS A 447 6.05 21.68 -32.08
C LYS A 447 7.43 22.32 -32.07
N ASN A 448 8.03 22.45 -30.89
CA ASN A 448 9.38 22.96 -30.76
C ASN A 448 10.43 21.86 -30.64
N GLY A 449 10.02 20.60 -30.69
CA GLY A 449 10.93 19.48 -30.52
C GLY A 449 11.26 19.13 -29.08
N TYR A 450 10.68 19.83 -28.11
CA TYR A 450 10.95 19.58 -26.70
C TYR A 450 9.72 18.98 -26.04
N PRO A 451 9.81 17.78 -25.46
CA PRO A 451 8.64 17.19 -24.80
C PRO A 451 8.22 17.94 -23.55
N ASP A 452 7.05 18.56 -23.58
CA ASP A 452 6.54 19.27 -22.41
C ASP A 452 5.94 18.30 -21.41
N LEU A 453 5.83 18.77 -20.17
CA LEU A 453 5.35 17.96 -19.05
C LEU A 453 4.17 18.65 -18.40
N ILE A 454 3.12 17.86 -18.10
CA ILE A 454 1.94 18.33 -17.39
C ILE A 454 1.92 17.70 -16.01
N VAL A 455 1.60 18.50 -14.99
CA VAL A 455 1.50 18.04 -13.61
C VAL A 455 0.10 18.35 -13.12
N GLY A 456 -0.56 17.34 -12.56
CA GLY A 456 -1.91 17.51 -12.07
C GLY A 456 -2.07 17.18 -10.59
N ALA A 457 -2.65 18.11 -9.82
CA ALA A 457 -2.90 17.93 -8.41
C ALA A 457 -4.40 17.90 -8.17
N PHE A 458 -4.89 16.83 -7.56
CA PHE A 458 -6.31 16.66 -7.30
C PHE A 458 -6.78 17.36 -6.03
N GLY A 459 -5.86 17.72 -5.13
CA GLY A 459 -6.27 18.37 -3.90
C GLY A 459 -6.83 19.76 -4.14
N VAL A 460 -6.21 20.52 -5.04
CA VAL A 460 -6.64 21.88 -5.35
C VAL A 460 -7.39 21.95 -6.68
N ASP A 461 -7.64 20.80 -7.32
CA ASP A 461 -8.44 20.72 -8.55
C ASP A 461 -7.83 21.57 -9.68
N ARG A 462 -6.53 21.43 -9.87
CA ARG A 462 -5.82 22.14 -10.93
C ARG A 462 -4.91 21.18 -11.68
N ALA A 463 -4.71 21.47 -12.97
CA ALA A 463 -3.80 20.73 -13.83
C ALA A 463 -2.83 21.73 -14.44
N ILE A 464 -1.55 21.61 -14.11
CA ILE A 464 -0.53 22.57 -14.49
C ILE A 464 0.38 21.95 -15.53
N LEU A 465 0.56 22.65 -16.66
CA LEU A 465 1.46 22.22 -17.73
C LEU A 465 2.67 23.13 -17.74
N TYR A 466 3.85 22.53 -17.76
CA TYR A 466 5.12 23.25 -17.82
C TYR A 466 5.74 23.07 -19.20
N ARG A 467 6.13 24.18 -19.82
CA ARG A 467 6.70 24.17 -21.15
C ARG A 467 8.22 24.23 -21.08
N ALA A 468 8.88 23.47 -21.96
CA ALA A 468 10.33 23.41 -21.98
C ALA A 468 10.89 24.60 -22.75
N ARG A 469 11.68 25.43 -22.08
CA ARG A 469 12.29 26.58 -22.73
C ARG A 469 13.39 26.12 -23.70
N PRO A 470 13.66 26.90 -24.74
CA PRO A 470 14.72 26.53 -25.68
C PRO A 470 16.07 26.44 -24.99
N VAL A 471 16.87 25.45 -25.39
CA VAL A 471 18.19 25.20 -24.83
C VAL A 471 19.23 25.57 -25.88
N ILE A 472 20.08 26.53 -25.56
CA ILE A 472 21.14 26.97 -26.46
C ILE A 472 22.48 26.59 -25.81
N THR A 473 23.22 25.70 -26.47
CA THR A 473 24.57 25.38 -26.03
C THR A 473 25.54 26.36 -26.67
N VAL A 474 26.48 26.87 -25.87
CA VAL A 474 27.38 27.93 -26.28
C VAL A 474 28.80 27.54 -25.90
N ASN A 475 29.74 27.75 -26.82
CA ASN A 475 31.15 27.52 -26.60
C ASN A 475 31.90 28.84 -26.65
N ALA A 476 32.75 29.08 -25.66
CA ALA A 476 33.50 30.32 -25.54
C ALA A 476 34.99 30.03 -25.57
N GLY A 477 35.73 30.90 -26.24
CA GLY A 477 37.18 30.74 -26.32
C GLY A 477 37.91 32.07 -26.29
N LEU A 478 38.88 32.20 -25.40
CA LEU A 478 39.66 33.42 -25.24
C LEU A 478 41.11 33.14 -25.63
N GLU A 479 41.64 33.94 -26.56
CA GLU A 479 43.02 33.86 -26.96
C GLU A 479 43.73 35.17 -26.60
N VAL A 480 44.85 35.05 -25.88
CA VAL A 480 45.65 36.19 -25.48
C VAL A 480 47.08 35.94 -25.92
N TYR A 481 47.65 36.88 -26.69
CA TYR A 481 49.01 36.73 -27.16
C TYR A 481 49.63 38.11 -27.38
N PRO A 482 50.82 38.38 -26.83
CA PRO A 482 51.53 37.46 -25.92
C PRO A 482 50.95 37.48 -24.51
N SER A 483 51.17 36.41 -23.75
CA SER A 483 50.68 36.36 -22.38
C SER A 483 51.38 37.38 -21.49
N ILE A 484 52.62 37.75 -21.83
CA ILE A 484 53.36 38.74 -21.06
C ILE A 484 52.78 40.13 -21.27
N PHE A 504 50.29 43.57 -25.98
CA PHE A 504 49.21 42.72 -25.50
C PHE A 504 48.01 42.77 -26.43
N ASN A 505 47.35 41.62 -26.59
CA ASN A 505 46.17 41.51 -27.46
C ASN A 505 45.17 40.58 -26.80
N VAL A 506 43.96 41.08 -26.59
CA VAL A 506 42.85 40.30 -26.04
C VAL A 506 41.77 40.21 -27.11
N ARG A 507 41.43 38.99 -27.51
CA ARG A 507 40.49 38.76 -28.62
C ARG A 507 39.67 37.51 -28.27
N PHE A 508 38.48 37.74 -27.72
CA PHE A 508 37.60 36.64 -27.33
C PHE A 508 36.68 36.25 -28.49
N CYS A 509 36.40 34.95 -28.58
CA CYS A 509 35.58 34.39 -29.63
C CYS A 509 34.56 33.43 -29.02
N LEU A 510 33.43 33.28 -29.68
CA LEU A 510 32.38 32.38 -29.20
C LEU A 510 31.46 32.02 -30.35
N LYS A 511 30.70 30.94 -30.15
CA LYS A 511 29.71 30.47 -31.11
C LYS A 511 28.51 29.91 -30.35
N ALA A 512 27.37 29.85 -31.04
CA ALA A 512 26.13 29.39 -30.44
C ALA A 512 25.47 28.35 -31.34
N ASP A 513 24.77 27.42 -30.71
CA ASP A 513 24.06 26.37 -31.43
C ASP A 513 22.85 25.95 -30.60
N GLY A 514 21.84 25.39 -31.29
CA GLY A 514 20.63 24.97 -30.62
C GLY A 514 19.92 23.89 -31.40
N LYS A 515 18.90 23.33 -30.78
CA LYS A 515 18.08 22.27 -31.37
C LYS A 515 16.62 22.70 -31.38
N GLY A 516 15.96 22.46 -32.51
CA GLY A 516 14.58 22.84 -32.67
C GLY A 516 14.41 24.18 -33.36
N VAL A 517 13.20 24.73 -33.24
CA VAL A 517 12.89 26.02 -33.82
C VAL A 517 13.38 27.12 -32.88
N LEU A 518 14.24 27.99 -33.40
CA LEU A 518 14.85 29.06 -32.63
C LEU A 518 14.87 30.32 -33.48
N PRO A 519 14.92 31.50 -32.84
CA PRO A 519 15.07 32.74 -33.61
C PRO A 519 16.37 32.75 -34.41
N ARG A 520 16.31 33.35 -35.60
CA ARG A 520 17.46 33.36 -36.49
C ARG A 520 18.63 34.12 -35.88
N LYS A 521 18.36 35.26 -35.25
CA LYS A 521 19.39 36.12 -34.70
C LYS A 521 19.25 36.22 -33.18
N LEU A 522 20.38 36.23 -32.48
CA LEU A 522 20.42 36.28 -31.03
C LEU A 522 21.28 37.46 -30.58
N ASN A 523 21.04 37.90 -29.35
CA ASN A 523 21.78 39.01 -28.76
C ASN A 523 22.53 38.52 -27.53
N PHE A 524 23.81 38.88 -27.43
CA PHE A 524 24.65 38.50 -26.31
C PHE A 524 25.35 39.72 -25.75
N GLN A 525 25.44 39.78 -24.42
CA GLN A 525 26.10 40.87 -23.71
C GLN A 525 27.34 40.33 -23.00
N VAL A 526 28.49 40.94 -23.27
CA VAL A 526 29.75 40.51 -22.70
C VAL A 526 30.31 41.62 -21.82
N GLU A 527 31.41 41.31 -21.14
CA GLU A 527 32.06 42.26 -20.24
C GLU A 527 33.56 41.98 -20.20
N LEU A 528 34.31 42.97 -19.75
CA LEU A 528 35.76 42.88 -19.62
C LEU A 528 36.17 43.18 -18.18
N LEU A 529 37.26 42.55 -17.76
CA LEU A 529 37.81 42.77 -16.42
C LEU A 529 39.31 42.91 -16.52
N LEU A 530 39.88 43.79 -15.70
CA LEU A 530 41.31 44.04 -15.66
C LEU A 530 41.88 43.47 -14.36
N ASP A 531 42.94 42.68 -14.49
CA ASP A 531 43.59 42.04 -13.34
C ASP A 531 42.60 41.18 -12.55
N SER A 549 39.41 51.91 -19.73
CA SER A 549 38.29 51.40 -18.95
C SER A 549 38.48 49.91 -18.62
N PRO A 550 38.26 49.54 -17.37
CA PRO A 550 38.40 48.13 -16.98
C PRO A 550 37.36 47.21 -17.60
N SER A 551 36.23 47.75 -18.05
CA SER A 551 35.14 46.95 -18.61
C SER A 551 34.68 47.54 -19.93
N HIS A 552 34.33 46.67 -20.87
CA HIS A 552 33.79 47.07 -22.17
C HIS A 552 32.61 46.17 -22.51
N SER A 553 31.42 46.76 -22.56
CA SER A 553 30.23 46.02 -22.94
C SER A 553 30.02 46.11 -24.45
N LYS A 554 29.37 45.09 -25.00
CA LYS A 554 29.14 45.02 -26.44
C LYS A 554 27.93 44.14 -26.72
N ASN A 555 27.03 44.63 -27.56
CA ASN A 555 25.86 43.86 -27.99
C ASN A 555 26.16 43.27 -29.36
N MET A 556 26.45 41.97 -29.39
CA MET A 556 26.81 41.27 -30.61
C MET A 556 25.66 40.37 -31.05
N THR A 557 25.70 39.97 -32.32
CA THR A 557 24.70 39.11 -32.92
C THR A 557 25.38 37.89 -33.55
N ILE A 558 24.96 36.70 -33.14
CA ILE A 558 25.51 35.46 -33.66
C ILE A 558 24.37 34.60 -34.19
N SER A 559 24.48 34.17 -35.45
CA SER A 559 23.51 33.28 -36.02
C SER A 559 23.76 31.85 -35.57
N ARG A 560 22.72 31.02 -35.65
CA ARG A 560 22.85 29.62 -35.27
C ARG A 560 23.74 28.87 -36.24
N GLY A 561 24.69 28.11 -35.71
CA GLY A 561 25.64 27.40 -36.53
C GLY A 561 26.76 28.23 -37.11
N GLY A 562 26.91 29.47 -36.66
CA GLY A 562 27.93 30.34 -37.19
C GLY A 562 29.32 29.97 -36.70
N LEU A 563 30.31 30.59 -37.32
CA LEU A 563 31.71 30.35 -37.00
C LEU A 563 32.14 31.23 -35.83
N MET A 564 33.45 31.29 -35.58
CA MET A 564 33.99 32.07 -34.48
C MET A 564 33.74 33.55 -34.68
N GLN A 565 32.88 34.15 -33.86
CA GLN A 565 32.59 35.58 -33.93
C GLN A 565 33.66 36.31 -33.14
N CYS A 566 34.77 36.61 -33.83
CA CYS A 566 35.96 37.14 -33.20
C CYS A 566 36.07 38.65 -33.37
N GLU A 567 36.40 39.33 -32.27
CA GLU A 567 36.71 40.75 -32.28
C GLU A 567 37.63 41.04 -31.10
N GLU A 568 38.34 42.16 -31.18
CA GLU A 568 39.34 42.50 -30.18
C GLU A 568 39.04 43.86 -29.58
N LEU A 569 39.49 44.05 -28.33
CA LEU A 569 39.33 45.30 -27.61
C LEU A 569 40.70 45.82 -27.19
N ILE A 570 40.89 47.13 -27.31
CA ILE A 570 42.15 47.75 -26.95
C ILE A 570 41.96 48.66 -25.73
N PHE A 589 39.01 36.45 -18.20
CA PHE A 589 37.73 36.42 -17.51
C PHE A 589 36.67 37.27 -18.24
N MET A 590 35.70 36.60 -18.84
CA MET A 590 34.56 37.27 -19.44
C MET A 590 33.28 36.58 -19.00
N GLU A 591 32.21 37.37 -18.89
CA GLU A 591 30.90 36.85 -18.52
C GLU A 591 29.91 37.27 -19.60
N TYR A 592 29.13 36.30 -20.08
CA TYR A 592 28.20 36.52 -21.18
C TYR A 592 26.77 36.25 -20.72
N ARG A 593 25.85 37.12 -21.11
CA ARG A 593 24.44 36.99 -20.76
C ARG A 593 23.60 37.01 -22.02
N LEU A 594 22.69 36.04 -22.13
CA LEU A 594 21.76 36.01 -23.24
C LEU A 594 20.59 36.96 -22.99
N ASP A 595 20.18 37.67 -24.03
CA ASP A 595 19.05 38.59 -23.93
C ASP A 595 17.75 37.79 -23.95
N TYR A 596 16.95 37.94 -22.90
CA TYR A 596 15.69 37.21 -22.78
C TYR A 596 14.50 37.94 -23.40
N ARG A 597 14.71 39.15 -23.93
CA ARG A 597 13.62 39.92 -24.51
C ARG A 597 13.45 39.64 -26.00
N THR A 598 14.51 39.87 -26.79
CA THR A 598 14.42 39.67 -28.23
C THR A 598 14.42 38.19 -28.60
N ALA A 599 15.02 37.34 -27.76
CA ALA A 599 15.06 35.91 -28.06
C ALA A 599 13.75 35.20 -27.79
N ALA A 600 12.83 35.83 -27.06
CA ALA A 600 11.54 35.22 -26.77
C ALA A 600 10.72 35.09 -28.04
N ASP A 601 9.99 33.98 -28.16
CA ASP A 601 9.16 33.71 -29.32
C ASP A 601 7.80 34.39 -29.13
N THR A 602 6.89 34.14 -30.07
CA THR A 602 5.55 34.72 -29.98
C THR A 602 4.80 34.20 -28.76
N THR A 603 4.93 32.91 -28.47
CA THR A 603 4.24 32.33 -27.32
C THR A 603 4.75 32.93 -26.01
N GLY A 604 6.06 33.12 -25.89
CA GLY A 604 6.62 33.72 -24.69
C GLY A 604 7.71 32.88 -24.05
N LEU A 605 8.18 31.85 -24.75
CA LEU A 605 9.22 30.98 -24.22
C LEU A 605 10.57 31.66 -24.38
N GLN A 606 11.24 31.93 -23.26
CA GLN A 606 12.56 32.55 -23.27
C GLN A 606 13.63 31.47 -23.31
N PRO A 607 14.52 31.48 -24.29
CA PRO A 607 15.57 30.45 -24.34
C PRO A 607 16.45 30.48 -23.10
N ILE A 608 16.84 29.30 -22.65
CA ILE A 608 17.65 29.15 -21.44
C ILE A 608 19.04 28.65 -21.84
N LEU A 609 20.05 29.14 -21.13
CA LEU A 609 21.43 28.75 -21.41
C LEU A 609 21.71 27.35 -20.88
N ASN A 610 22.75 26.73 -21.42
CA ASN A 610 23.13 25.39 -20.97
C ASN A 610 23.72 25.46 -19.58
N GLN A 611 23.21 24.60 -18.69
CA GLN A 611 23.68 24.57 -17.31
C GLN A 611 24.95 23.75 -17.12
N PHE A 612 25.37 23.00 -18.14
CA PHE A 612 26.52 22.12 -18.04
C PHE A 612 27.80 22.76 -18.57
N THR A 613 27.74 24.03 -18.96
CA THR A 613 28.90 24.73 -19.48
C THR A 613 29.32 25.85 -18.53
N PRO A 614 30.61 26.17 -18.47
CA PRO A 614 31.04 27.25 -17.58
C PRO A 614 30.91 28.61 -18.25
N ALA A 615 30.62 29.62 -17.41
CA ALA A 615 30.41 30.97 -17.88
C ALA A 615 31.64 31.86 -17.75
N ASN A 616 32.78 31.28 -17.40
CA ASN A 616 34.02 32.05 -17.26
C ASN A 616 35.22 31.16 -17.56
N ILE A 617 36.23 31.77 -18.17
CA ILE A 617 37.50 31.11 -18.47
C ILE A 617 38.62 31.99 -17.98
N SER A 618 39.57 31.41 -17.25
CA SER A 618 40.72 32.13 -16.70
C SER A 618 40.28 33.29 -15.83
N ILE B 93 15.70 17.07 39.38
CA ILE B 93 14.31 17.15 38.97
C ILE B 93 13.85 15.81 38.41
N ASN B 94 14.47 15.38 37.32
CA ASN B 94 14.14 14.09 36.72
C ASN B 94 14.59 12.95 37.62
N THR B 95 13.88 11.83 37.55
CA THR B 95 14.12 10.69 38.44
C THR B 95 14.94 9.60 37.78
N GLN B 96 14.47 9.06 36.65
CA GLN B 96 15.20 7.97 35.99
C GLN B 96 16.50 8.48 35.36
N VAL B 97 16.43 9.60 34.65
CA VAL B 97 17.62 10.20 34.05
C VAL B 97 18.20 11.21 35.03
N THR B 98 19.47 11.02 35.39
CA THR B 98 20.07 11.86 36.43
C THR B 98 20.17 13.33 36.05
N PRO B 99 20.71 13.71 34.89
CA PRO B 99 20.78 15.15 34.57
C PRO B 99 19.43 15.69 34.13
N GLY B 100 18.91 16.66 34.87
CA GLY B 100 17.67 17.31 34.45
C GLY B 100 17.83 18.07 33.15
N GLU B 101 18.92 18.84 33.03
CA GLU B 101 19.25 19.54 31.81
C GLU B 101 20.70 19.98 31.88
N VAL B 102 21.39 19.91 30.75
CA VAL B 102 22.77 20.37 30.64
C VAL B 102 22.83 21.47 29.59
N SER B 103 23.42 22.60 29.97
CA SER B 103 23.58 23.75 29.09
C SER B 103 25.06 23.87 28.73
N ILE B 104 25.40 23.62 27.48
CA ILE B 104 26.78 23.66 27.01
C ILE B 104 26.87 24.61 25.83
N GLN B 105 27.87 25.48 25.85
CA GLN B 105 28.16 26.38 24.74
C GLN B 105 29.43 25.92 24.03
N LEU B 106 29.40 25.95 22.70
CA LEU B 106 30.52 25.46 21.92
C LEU B 106 30.63 26.26 20.63
N ARG B 107 31.87 26.60 20.26
CA ARG B 107 32.15 27.25 19.00
C ARG B 107 32.15 26.22 17.87
N PRO B 108 31.80 26.63 16.65
CA PRO B 108 31.86 25.70 15.52
C PRO B 108 33.27 25.18 15.30
N GLY B 109 33.38 23.91 14.93
CA GLY B 109 34.65 23.27 14.73
C GLY B 109 35.26 22.64 15.96
N ALA B 110 34.64 22.81 17.13
CA ALA B 110 35.13 22.24 18.37
C ALA B 110 34.03 21.41 19.02
N GLU B 111 34.40 20.23 19.52
CA GLU B 111 33.45 19.32 20.14
C GLU B 111 33.35 19.59 21.64
N ALA B 112 32.19 19.30 22.21
CA ALA B 112 31.94 19.50 23.64
C ALA B 112 31.03 18.37 24.11
N ASN B 113 31.63 17.36 24.73
CA ASN B 113 30.89 16.22 25.23
C ASN B 113 30.42 16.44 26.67
N PHE B 114 29.40 15.69 27.07
CA PHE B 114 28.84 15.78 28.41
C PHE B 114 28.57 14.36 28.90
N MET B 115 27.93 14.25 30.06
CA MET B 115 27.61 12.97 30.68
C MET B 115 26.11 12.82 30.78
N LEU B 116 25.59 11.67 30.38
CA LEU B 116 24.16 11.38 30.40
C LEU B 116 23.98 10.08 31.18
N LYS B 117 23.61 10.20 32.45
CA LYS B 117 23.46 9.04 33.33
C LYS B 117 22.02 8.54 33.30
N VAL B 118 21.87 7.22 33.22
CA VAL B 118 20.57 6.57 33.24
C VAL B 118 20.57 5.50 34.32
N HIS B 119 19.59 5.58 35.24
CA HIS B 119 19.47 4.63 36.34
C HIS B 119 18.03 4.11 36.39
N PRO B 120 17.75 2.98 35.76
CA PRO B 120 16.39 2.41 35.83
C PRO B 120 16.01 2.08 37.26
N LEU B 121 14.74 2.32 37.59
CA LEU B 121 14.20 2.07 38.91
C LEU B 121 13.49 0.71 38.95
N LYS B 122 12.80 0.45 40.05
CA LYS B 122 12.05 -0.78 40.24
C LYS B 122 10.58 -0.47 40.50
N LYS B 123 9.75 -1.49 40.33
CA LYS B 123 8.30 -1.39 40.55
C LYS B 123 7.69 -0.25 39.75
N TYR B 124 7.83 -0.33 38.44
CA TYR B 124 7.25 0.66 37.54
C TYR B 124 5.73 0.51 37.52
N PRO B 125 4.98 1.59 37.76
CA PRO B 125 3.53 1.52 37.54
C PRO B 125 3.23 1.17 36.08
N VAL B 126 2.25 0.30 35.89
CA VAL B 126 1.99 -0.30 34.58
C VAL B 126 0.59 0.08 34.14
N ASP B 127 0.49 0.68 32.95
CA ASP B 127 -0.78 0.92 32.26
C ASP B 127 -0.77 0.06 31.01
N LEU B 128 -1.49 -1.06 31.04
CA LEU B 128 -1.48 -2.02 29.94
C LEU B 128 -2.80 -1.93 29.17
N TYR B 129 -2.70 -1.83 27.85
CA TYR B 129 -3.85 -1.73 26.96
C TYR B 129 -3.91 -2.96 26.07
N TYR B 130 -5.13 -3.46 25.85
CA TYR B 130 -5.37 -4.62 25.01
C TYR B 130 -6.00 -4.18 23.70
N LEU B 131 -5.19 -4.13 22.65
CA LEU B 131 -5.66 -3.88 21.29
C LEU B 131 -5.79 -5.23 20.60
N VAL B 132 -6.98 -5.81 20.66
CA VAL B 132 -7.23 -7.15 20.16
C VAL B 132 -8.07 -7.07 18.88
N ASP B 133 -7.71 -7.88 17.89
CA ASP B 133 -8.48 -7.99 16.67
C ASP B 133 -9.71 -8.85 16.91
N VAL B 134 -10.87 -8.35 16.52
CA VAL B 134 -12.13 -9.07 16.70
C VAL B 134 -12.62 -9.56 15.34
N SER B 135 -11.68 -9.80 14.43
CA SER B 135 -12.01 -10.32 13.11
C SER B 135 -12.47 -11.77 13.21
N ALA B 136 -13.11 -12.23 12.13
CA ALA B 136 -13.67 -13.58 12.09
C ALA B 136 -12.61 -14.66 12.24
N SER B 137 -11.36 -14.35 11.95
CA SER B 137 -10.29 -15.34 12.05
C SER B 137 -9.86 -15.59 13.50
N MET B 138 -10.56 -15.05 14.50
CA MET B 138 -10.20 -15.22 15.91
C MET B 138 -11.40 -15.61 16.73
N HIS B 139 -12.16 -16.61 16.27
CA HIS B 139 -13.30 -17.08 17.04
C HIS B 139 -12.87 -17.75 18.35
N ASN B 140 -11.60 -18.13 18.46
CA ASN B 140 -11.08 -18.78 19.66
C ASN B 140 -10.17 -17.88 20.49
N ASN B 141 -9.46 -16.94 19.86
CA ASN B 141 -8.61 -16.03 20.62
C ASN B 141 -9.42 -15.11 21.52
N ILE B 142 -10.61 -14.70 21.08
CA ILE B 142 -11.48 -13.87 21.90
C ILE B 142 -11.85 -14.59 23.20
N GLU B 143 -12.19 -15.88 23.08
CA GLU B 143 -12.52 -16.66 24.29
C GLU B 143 -11.27 -16.99 25.09
N LYS B 144 -10.11 -17.08 24.44
CA LYS B 144 -8.86 -17.30 25.17
C LYS B 144 -8.51 -16.08 26.02
N LEU B 145 -8.81 -14.87 25.52
CA LEU B 145 -8.54 -13.63 26.25
C LEU B 145 -9.43 -13.46 27.47
N ASN B 146 -10.46 -14.31 27.63
CA ASN B 146 -11.45 -14.10 28.68
C ASN B 146 -10.83 -14.18 30.08
N SER B 147 -9.89 -15.11 30.28
CA SER B 147 -9.41 -15.42 31.62
C SER B 147 -8.16 -14.65 32.05
N VAL B 148 -7.65 -13.75 31.20
CA VAL B 148 -6.43 -13.03 31.56
C VAL B 148 -6.69 -12.06 32.72
N GLY B 149 -7.89 -11.51 32.81
CA GLY B 149 -8.20 -10.41 33.71
C GLY B 149 -7.73 -10.55 35.14
N ASN B 150 -8.29 -11.51 35.88
CA ASN B 150 -7.91 -11.69 37.28
C ASN B 150 -6.57 -12.39 37.42
N ASP B 151 -6.19 -13.24 36.47
CA ASP B 151 -5.00 -14.06 36.66
C ASP B 151 -3.72 -13.25 36.49
N LEU B 152 -3.67 -12.35 35.49
CA LEU B 152 -2.47 -11.57 35.25
C LEU B 152 -2.17 -10.61 36.40
N SER B 153 -3.17 -10.23 37.19
CA SER B 153 -2.93 -9.36 38.34
C SER B 153 -2.03 -10.03 39.36
N ARG B 154 -2.22 -11.33 39.59
CA ARG B 154 -1.37 -12.06 40.53
C ARG B 154 0.08 -12.06 40.06
N LYS B 155 0.31 -12.27 38.77
CA LYS B 155 1.67 -12.27 38.23
C LYS B 155 2.29 -10.89 38.31
N MET B 156 1.51 -9.84 38.04
CA MET B 156 2.04 -8.48 38.07
C MET B 156 2.16 -7.90 39.48
N ALA B 157 1.57 -8.57 40.49
CA ALA B 157 1.57 -8.01 41.84
C ALA B 157 2.97 -7.91 42.43
N PHE B 158 3.90 -8.75 42.00
CA PHE B 158 5.25 -8.74 42.57
C PHE B 158 6.32 -8.24 41.61
N PHE B 159 5.94 -7.85 40.40
CA PHE B 159 6.79 -6.98 39.57
C PHE B 159 6.49 -5.51 39.84
N SER B 160 5.24 -5.12 39.67
CA SER B 160 4.77 -3.76 39.95
C SER B 160 3.85 -3.77 41.17
N ARG B 161 3.54 -2.57 41.65
CA ARG B 161 2.67 -2.41 42.81
C ARG B 161 1.29 -1.87 42.47
N ASP B 162 1.13 -1.25 41.30
CA ASP B 162 -0.16 -0.74 40.85
C ASP B 162 -0.37 -1.14 39.40
N PHE B 163 -1.57 -1.65 39.10
CA PHE B 163 -1.89 -2.12 37.75
C PHE B 163 -3.19 -1.47 37.28
N ARG B 164 -3.17 -0.94 36.07
CA ARG B 164 -4.35 -0.35 35.43
C ARG B 164 -4.50 -0.97 34.06
N LEU B 165 -5.71 -1.39 33.73
CA LEU B 165 -5.97 -2.19 32.53
C LEU B 165 -7.09 -1.57 31.72
N GLY B 166 -6.94 -1.61 30.39
CA GLY B 166 -7.97 -1.15 29.48
C GLY B 166 -8.31 -2.15 28.40
N PHE B 167 -9.15 -1.76 27.45
CA PHE B 167 -9.63 -2.68 26.43
C PHE B 167 -9.87 -1.90 25.14
N GLY B 168 -9.84 -2.63 24.03
CA GLY B 168 -10.08 -2.04 22.72
C GLY B 168 -10.28 -3.10 21.67
N SER B 169 -10.89 -2.67 20.56
CA SER B 169 -11.18 -3.58 19.46
C SER B 169 -11.08 -2.82 18.14
N TYR B 170 -10.83 -3.58 17.08
CA TYR B 170 -10.68 -3.01 15.74
C TYR B 170 -10.89 -4.13 14.73
N VAL B 171 -11.48 -3.79 13.57
CA VAL B 171 -11.61 -4.78 12.51
C VAL B 171 -10.90 -4.31 11.25
N ASP B 172 -11.42 -3.26 10.62
CA ASP B 172 -10.96 -2.82 9.31
C ASP B 172 -11.74 -1.58 8.91
N LYS B 173 -11.33 -0.99 7.78
CA LYS B 173 -12.03 0.17 7.24
C LYS B 173 -13.42 -0.22 6.75
N THR B 174 -14.37 0.70 6.91
CA THR B 174 -15.75 0.46 6.51
C THR B 174 -15.98 0.94 5.08
N VAL B 175 -15.18 0.39 4.16
CA VAL B 175 -15.23 0.71 2.74
C VAL B 175 -15.09 -0.58 1.94
N SER B 176 -15.21 -0.45 0.62
CA SER B 176 -15.05 -1.51 -0.36
C SER B 176 -13.70 -1.41 -1.05
N PRO B 177 -13.08 -2.54 -1.46
CA PRO B 177 -13.57 -3.92 -1.38
C PRO B 177 -13.21 -4.63 -0.07
N TYR B 178 -12.79 -3.88 0.95
CA TYR B 178 -12.45 -4.50 2.22
C TYR B 178 -13.66 -5.19 2.85
N ILE B 179 -14.82 -4.55 2.79
CA ILE B 179 -16.06 -5.12 3.29
C ILE B 179 -17.05 -5.20 2.13
N SER B 180 -18.13 -5.94 2.36
CA SER B 180 -19.19 -6.09 1.37
C SER B 180 -20.19 -4.96 1.54
N ILE B 181 -20.45 -4.22 0.46
CA ILE B 181 -21.39 -3.11 0.48
C ILE B 181 -22.77 -3.55 -0.02
N HIS B 182 -23.03 -4.84 -0.06
CA HIS B 182 -24.35 -5.32 -0.45
C HIS B 182 -25.40 -4.86 0.56
N PRO B 183 -26.61 -4.53 0.11
CA PRO B 183 -27.65 -4.07 1.06
C PRO B 183 -27.90 -5.04 2.21
N GLU B 184 -27.88 -6.34 1.94
CA GLU B 184 -28.12 -7.32 2.99
C GLU B 184 -26.88 -7.60 3.83
N ARG B 185 -25.69 -7.19 3.36
CA ARG B 185 -24.44 -7.50 4.05
C ARG B 185 -23.71 -6.26 4.54
N ILE B 186 -24.28 -5.06 4.39
CA ILE B 186 -23.59 -3.85 4.83
C ILE B 186 -23.52 -3.80 6.36
N HIS B 187 -24.56 -4.26 7.05
CA HIS B 187 -24.61 -4.22 8.50
C HIS B 187 -24.16 -5.52 9.16
N ASN B 188 -24.31 -6.66 8.48
CA ASN B 188 -23.88 -7.94 9.01
C ASN B 188 -23.16 -8.69 7.91
N GLN B 189 -21.87 -8.97 8.13
CA GLN B 189 -21.04 -9.65 7.14
C GLN B 189 -21.13 -11.17 7.24
N CYS B 190 -21.93 -11.69 8.17
CA CYS B 190 -22.12 -13.12 8.34
C CYS B 190 -23.50 -13.58 7.88
N SER B 191 -24.16 -12.79 7.03
CA SER B 191 -25.49 -13.15 6.55
C SER B 191 -25.46 -14.42 5.71
N ASP B 192 -24.41 -14.58 4.89
CA ASP B 192 -24.30 -15.78 4.07
C ASP B 192 -24.06 -17.03 4.89
N TYR B 193 -23.56 -16.89 6.12
CA TYR B 193 -23.43 -18.00 7.05
C TYR B 193 -24.57 -18.05 8.06
N ASN B 194 -25.50 -17.10 8.01
CA ASN B 194 -26.60 -17.00 8.96
C ASN B 194 -26.08 -16.96 10.40
N LEU B 195 -25.09 -16.10 10.62
CA LEU B 195 -24.43 -15.99 11.92
C LEU B 195 -24.59 -14.58 12.46
N ASP B 196 -24.77 -14.48 13.77
CA ASP B 196 -24.91 -13.19 14.45
C ASP B 196 -23.53 -12.69 14.84
N CYS B 197 -23.02 -11.70 14.11
CA CYS B 197 -21.69 -11.16 14.35
C CYS B 197 -21.74 -9.64 14.32
N MET B 198 -20.79 -9.03 15.02
CA MET B 198 -20.75 -7.58 15.14
C MET B 198 -20.46 -6.94 13.78
N PRO B 199 -21.08 -5.81 13.47
CA PRO B 199 -20.74 -5.11 12.24
C PRO B 199 -19.29 -4.67 12.26
N PRO B 200 -18.62 -4.67 11.10
CA PRO B 200 -17.22 -4.23 11.06
C PRO B 200 -17.10 -2.76 11.42
N HIS B 201 -15.97 -2.44 12.06
CA HIS B 201 -15.70 -1.06 12.48
C HIS B 201 -14.20 -0.81 12.43
N GLY B 202 -13.83 0.43 12.12
CA GLY B 202 -12.42 0.77 12.07
C GLY B 202 -11.74 0.66 13.43
N TYR B 203 -12.33 1.27 14.45
CA TYR B 203 -11.79 1.23 15.80
C TYR B 203 -12.82 1.70 16.81
N ILE B 204 -13.06 0.89 17.84
CA ILE B 204 -13.99 1.24 18.91
C ILE B 204 -13.27 1.08 20.24
N HIS B 205 -13.30 2.14 21.06
CA HIS B 205 -12.68 2.13 22.38
C HIS B 205 -13.72 1.64 23.37
N VAL B 206 -13.70 0.34 23.67
CA VAL B 206 -14.73 -0.26 24.51
C VAL B 206 -14.61 0.23 25.95
N LEU B 207 -13.40 0.18 26.51
CA LEU B 207 -13.20 0.51 27.91
C LEU B 207 -11.83 1.13 28.09
N SER B 208 -11.75 2.13 28.97
CA SER B 208 -10.51 2.82 29.26
C SER B 208 -9.74 2.12 30.37
N LEU B 209 -8.54 2.62 30.65
CA LEU B 209 -7.71 2.06 31.71
C LEU B 209 -8.35 2.33 33.07
N THR B 210 -8.66 1.27 33.81
CA THR B 210 -9.31 1.38 35.11
C THR B 210 -8.62 0.48 36.11
N GLU B 211 -8.62 0.90 37.38
CA GLU B 211 -8.14 0.05 38.45
C GLU B 211 -9.04 -1.16 38.63
N ASN B 212 -10.35 -0.97 38.46
CA ASN B 212 -11.30 -2.07 38.49
C ASN B 212 -11.00 -3.09 37.41
N ILE B 213 -11.02 -4.37 37.77
CA ILE B 213 -10.84 -5.46 36.81
C ILE B 213 -12.20 -6.06 36.48
N THR B 214 -13.11 -6.07 37.46
CA THR B 214 -14.46 -6.58 37.23
C THR B 214 -15.10 -5.89 36.04
N GLU B 215 -14.80 -4.61 35.84
CA GLU B 215 -15.19 -3.93 34.60
C GLU B 215 -14.60 -4.63 33.39
N PHE B 216 -13.37 -5.14 33.50
CA PHE B 216 -12.79 -5.85 32.36
C PHE B 216 -13.53 -7.14 32.06
N GLU B 217 -13.82 -7.97 33.08
CA GLU B 217 -14.56 -9.19 32.76
C GLU B 217 -15.98 -8.90 32.28
N LYS B 218 -16.57 -7.78 32.71
CA LYS B 218 -17.86 -7.40 32.14
C LYS B 218 -17.73 -6.93 30.69
N ALA B 219 -16.61 -6.27 30.37
CA ALA B 219 -16.45 -5.70 29.03
C ALA B 219 -16.11 -6.76 28.00
N VAL B 220 -15.33 -7.79 28.38
CA VAL B 220 -14.96 -8.82 27.41
C VAL B 220 -16.18 -9.62 26.96
N HIS B 221 -17.20 -9.75 27.81
CA HIS B 221 -18.32 -10.62 27.50
C HIS B 221 -19.37 -9.94 26.62
N ARG B 222 -19.51 -8.62 26.74
CA ARG B 222 -20.55 -7.91 26.00
C ARG B 222 -20.15 -7.58 24.56
N GLN B 223 -18.90 -7.80 24.18
CA GLN B 223 -18.45 -7.52 22.82
C GLN B 223 -18.44 -8.81 22.00
N LYS B 224 -19.00 -8.74 20.80
CA LYS B 224 -19.15 -9.90 19.94
C LYS B 224 -18.00 -9.97 18.92
N ILE B 225 -18.11 -10.90 17.98
CA ILE B 225 -17.11 -11.10 16.95
C ILE B 225 -17.55 -10.39 15.68
N SER B 226 -16.57 -9.99 14.86
CA SER B 226 -16.86 -9.34 13.59
C SER B 226 -16.03 -9.96 12.48
N GLY B 227 -16.11 -9.40 11.27
CA GLY B 227 -15.33 -9.93 10.16
C GLY B 227 -15.61 -9.15 8.90
N ASN B 228 -14.80 -9.44 7.88
CA ASN B 228 -14.93 -8.82 6.58
C ASN B 228 -14.35 -9.77 5.54
N ILE B 229 -14.18 -9.28 4.31
CA ILE B 229 -13.82 -10.13 3.18
C ILE B 229 -12.33 -10.36 3.09
N ASP B 230 -11.56 -9.28 2.88
CA ASP B 230 -10.14 -9.43 2.53
C ASP B 230 -9.33 -9.94 3.72
N THR B 231 -8.22 -10.61 3.40
CA THR B 231 -7.39 -11.22 4.43
C THR B 231 -6.73 -10.20 5.36
N PRO B 232 -6.01 -9.18 4.89
CA PRO B 232 -5.35 -8.26 5.83
C PRO B 232 -6.36 -7.48 6.66
N GLU B 233 -5.97 -7.19 7.90
CA GLU B 233 -6.82 -6.49 8.85
C GLU B 233 -6.05 -5.26 9.34
N GLY B 234 -6.64 -4.09 9.16
CA GLY B 234 -5.98 -2.85 9.52
C GLY B 234 -5.76 -2.67 11.01
N GLY B 235 -4.50 -2.75 11.46
CA GLY B 235 -4.18 -2.62 12.86
C GLY B 235 -3.34 -1.41 13.21
N PHE B 236 -2.52 -0.95 12.25
CA PHE B 236 -1.68 0.21 12.50
C PHE B 236 -2.51 1.46 12.78
N ASP B 237 -3.67 1.58 12.12
CA ASP B 237 -4.56 2.70 12.40
C ASP B 237 -5.08 2.65 13.83
N ALA B 238 -5.45 1.45 14.30
CA ALA B 238 -5.89 1.29 15.68
C ALA B 238 -4.77 1.63 16.65
N MET B 239 -3.54 1.22 16.33
CA MET B 239 -2.40 1.58 17.18
C MET B 239 -2.22 3.10 17.25
N LEU B 240 -2.30 3.77 16.10
CA LEU B 240 -2.12 5.21 16.07
C LEU B 240 -3.22 5.93 16.85
N GLN B 241 -4.46 5.46 16.72
CA GLN B 241 -5.56 6.09 17.43
C GLN B 241 -5.50 5.84 18.93
N ALA B 242 -5.06 4.64 19.34
CA ALA B 242 -4.90 4.37 20.76
C ALA B 242 -3.71 5.09 21.36
N ALA B 243 -2.74 5.48 20.54
CA ALA B 243 -1.56 6.19 21.04
C ALA B 243 -1.77 7.69 21.11
N VAL B 244 -2.25 8.30 20.01
CA VAL B 244 -2.36 9.75 19.95
C VAL B 244 -3.43 10.25 20.93
N CYS B 245 -4.60 9.63 20.92
CA CYS B 245 -5.71 10.06 21.76
C CYS B 245 -5.46 9.65 23.22
N GLU B 246 -4.57 10.39 23.86
CA GLU B 246 -4.20 10.10 25.24
C GLU B 246 -5.38 10.36 26.19
N SER B 247 -6.14 11.42 25.93
CA SER B 247 -7.24 11.78 26.84
C SER B 247 -8.31 10.70 26.90
N HIS B 248 -8.68 10.15 25.74
CA HIS B 248 -9.74 9.13 25.72
C HIS B 248 -9.29 7.84 26.39
N ILE B 249 -8.07 7.39 26.11
CA ILE B 249 -7.58 6.16 26.71
C ILE B 249 -7.36 6.35 28.20
N GLY B 250 -6.71 7.44 28.59
CA GLY B 250 -6.47 7.71 29.99
C GLY B 250 -5.07 7.34 30.45
N TRP B 251 -4.07 7.60 29.60
CA TRP B 251 -2.70 7.31 29.96
C TRP B 251 -2.23 8.19 31.11
N ARG B 252 -1.34 7.64 31.94
CA ARG B 252 -0.76 8.35 33.07
C ARG B 252 0.66 8.75 32.76
N LYS B 253 1.02 10.00 33.08
CA LYS B 253 2.38 10.46 32.87
C LYS B 253 3.38 9.80 33.80
N GLU B 254 2.94 9.29 34.94
CA GLU B 254 3.82 8.71 35.94
C GLU B 254 3.93 7.20 35.85
N ALA B 255 3.27 6.57 34.88
CA ALA B 255 3.26 5.12 34.75
C ALA B 255 3.87 4.69 33.43
N LYS B 256 4.27 3.42 33.38
CA LYS B 256 4.88 2.84 32.18
C LYS B 256 3.78 2.45 31.20
N ARG B 257 3.65 3.22 30.12
CA ARG B 257 2.64 2.93 29.12
C ARG B 257 2.93 1.60 28.42
N LEU B 258 1.88 0.80 28.23
CA LEU B 258 1.99 -0.47 27.53
C LEU B 258 0.77 -0.65 26.65
N LEU B 259 1.00 -0.83 25.35
CA LEU B 259 -0.06 -1.11 24.38
C LEU B 259 0.25 -2.47 23.75
N LEU B 260 -0.53 -3.48 24.13
CA LEU B 260 -0.29 -4.86 23.70
C LEU B 260 -1.28 -5.17 22.58
N VAL B 261 -0.77 -5.31 21.36
CA VAL B 261 -1.59 -5.54 20.18
C VAL B 261 -1.47 -6.99 19.79
N MET B 262 -2.61 -7.67 19.64
CA MET B 262 -2.65 -9.07 19.27
C MET B 262 -3.20 -9.21 17.86
N THR B 263 -2.46 -9.93 17.02
CA THR B 263 -2.92 -10.26 15.67
C THR B 263 -2.36 -11.63 15.31
N ASP B 264 -2.86 -12.20 14.23
CA ASP B 264 -2.36 -13.47 13.73
C ASP B 264 -1.86 -13.39 12.30
N GLN B 265 -2.39 -12.47 11.50
CA GLN B 265 -2.06 -12.31 10.09
C GLN B 265 -1.56 -10.89 9.84
N THR B 266 -1.16 -10.64 8.59
CA THR B 266 -0.58 -9.36 8.24
C THR B 266 -1.62 -8.24 8.31
N SER B 267 -1.14 -7.03 8.56
CA SER B 267 -1.99 -5.85 8.69
C SER B 267 -1.93 -5.01 7.42
N HIS B 268 -2.98 -4.23 7.21
CA HIS B 268 -3.05 -3.36 6.04
C HIS B 268 -1.97 -2.28 6.10
N LEU B 269 -1.35 -2.02 4.97
CA LEU B 269 -0.30 -1.03 4.86
C LEU B 269 -0.88 0.33 4.47
N ALA B 270 -0.01 1.35 4.44
CA ALA B 270 -0.47 2.72 4.30
C ALA B 270 -1.20 2.95 2.98
N LEU B 271 -0.60 2.54 1.87
CA LEU B 271 -1.12 2.85 0.54
C LEU B 271 -2.00 1.74 -0.03
N ASP B 272 -2.41 0.78 0.80
CA ASP B 272 -3.37 -0.23 0.33
C ASP B 272 -4.75 0.34 0.11
N SER B 273 -5.03 1.57 0.57
CA SER B 273 -6.34 2.18 0.43
C SER B 273 -6.57 2.80 -0.93
N LYS B 274 -5.55 2.81 -1.81
CA LYS B 274 -5.74 3.33 -3.16
C LYS B 274 -6.76 2.49 -3.92
N LEU B 275 -6.89 1.20 -3.58
CA LEU B 275 -7.92 0.38 -4.17
C LEU B 275 -9.31 0.89 -3.79
N ALA B 276 -9.49 1.29 -2.53
CA ALA B 276 -10.76 1.83 -2.07
C ALA B 276 -11.00 3.24 -2.59
N GLY B 277 -9.94 4.01 -2.87
CA GLY B 277 -10.05 5.35 -3.39
C GLY B 277 -9.51 6.43 -2.49
N ILE B 278 -9.11 6.11 -1.26
CA ILE B 278 -8.54 7.09 -0.36
C ILE B 278 -7.06 7.27 -0.71
N VAL B 279 -6.67 8.50 -1.08
CA VAL B 279 -5.37 8.73 -1.69
C VAL B 279 -4.60 9.86 -1.03
N CYS B 280 -4.99 10.28 0.17
CA CYS B 280 -4.14 11.23 0.87
C CYS B 280 -3.87 10.77 2.29
N PRO B 281 -2.69 11.12 2.84
CA PRO B 281 -2.18 10.44 4.03
C PRO B 281 -2.95 10.80 5.30
N ASN B 282 -2.63 10.04 6.34
CA ASN B 282 -3.13 10.33 7.69
C ASN B 282 -2.38 11.50 8.30
N ASP B 283 -3.13 12.39 8.94
CA ASP B 283 -2.51 13.51 9.65
C ASP B 283 -1.90 13.06 10.98
N GLY B 284 -2.53 12.10 11.65
CA GLY B 284 -2.04 11.59 12.91
C GLY B 284 -2.61 12.23 14.15
N ASN B 285 -3.66 13.04 14.02
CA ASN B 285 -4.26 13.70 15.16
C ASN B 285 -5.36 12.83 15.78
N CYS B 286 -6.00 13.34 16.83
CA CYS B 286 -7.08 12.63 17.48
C CYS B 286 -8.39 12.86 16.74
N HIS B 287 -9.07 11.77 16.41
CA HIS B 287 -10.34 11.84 15.67
C HIS B 287 -11.35 10.88 16.27
N LEU B 288 -11.39 10.77 17.59
CA LEU B 288 -12.32 9.89 18.30
C LEU B 288 -13.48 10.75 18.79
N LYS B 289 -14.58 10.75 18.04
CA LYS B 289 -15.75 11.53 18.43
C LYS B 289 -16.34 11.03 19.75
N ASN B 290 -16.86 9.81 19.75
CA ASN B 290 -17.31 9.16 20.99
C ASN B 290 -16.85 7.70 20.93
N ASN B 291 -15.61 7.47 21.36
CA ASN B 291 -15.00 6.14 21.41
C ASN B 291 -15.09 5.40 20.07
N VAL B 292 -15.32 6.12 18.98
CA VAL B 292 -15.45 5.53 17.65
C VAL B 292 -14.65 6.35 16.67
N TYR B 293 -13.86 5.68 15.82
CA TYR B 293 -13.07 6.35 14.80
C TYR B 293 -13.97 6.67 13.61
N VAL B 294 -14.51 7.88 13.60
CA VAL B 294 -15.41 8.29 12.52
C VAL B 294 -14.62 8.49 11.23
N LYS B 295 -13.36 8.92 11.32
CA LYS B 295 -12.55 9.18 10.13
C LYS B 295 -11.83 7.91 9.66
N SER B 296 -12.63 6.88 9.39
CA SER B 296 -12.13 5.62 8.87
C SER B 296 -12.40 5.43 7.38
N THR B 297 -13.17 6.33 6.77
CA THR B 297 -13.51 6.22 5.35
C THR B 297 -13.07 7.43 4.54
N THR B 298 -12.28 8.33 5.13
CA THR B 298 -11.81 9.51 4.43
C THR B 298 -10.30 9.73 4.55
N MET B 299 -9.58 8.82 5.19
CA MET B 299 -8.15 8.96 5.39
C MET B 299 -7.50 7.57 5.37
N GLU B 300 -6.29 7.51 4.85
CA GLU B 300 -5.63 6.23 4.62
C GLU B 300 -5.00 5.70 5.90
N HIS B 301 -4.47 4.49 5.81
CA HIS B 301 -3.77 3.89 6.94
C HIS B 301 -2.49 4.66 7.22
N PRO B 302 -2.10 4.80 8.48
CA PRO B 302 -0.88 5.54 8.80
C PRO B 302 0.37 4.84 8.30
N SER B 303 1.39 5.65 8.01
CA SER B 303 2.67 5.12 7.59
C SER B 303 3.37 4.40 8.75
N LEU B 304 4.22 3.43 8.40
CA LEU B 304 5.00 2.73 9.41
C LEU B 304 5.94 3.68 10.15
N GLY B 305 6.63 4.55 9.40
CA GLY B 305 7.50 5.51 10.03
C GLY B 305 6.75 6.52 10.87
N GLN B 306 5.63 7.02 10.36
CA GLN B 306 4.81 7.96 11.13
C GLN B 306 4.27 7.31 12.40
N LEU B 307 3.80 6.06 12.29
CA LEU B 307 3.32 5.34 13.46
C LEU B 307 4.44 5.14 14.48
N SER B 308 5.63 4.78 14.03
CA SER B 308 6.76 4.60 14.94
C SER B 308 7.12 5.92 15.62
N GLU B 309 7.13 7.01 14.87
CA GLU B 309 7.45 8.31 15.45
C GLU B 309 6.41 8.71 16.50
N LYS B 310 5.13 8.49 16.20
CA LYS B 310 4.08 8.82 17.17
C LYS B 310 4.18 7.95 18.41
N LEU B 311 4.49 6.66 18.24
CA LEU B 311 4.67 5.78 19.39
C LEU B 311 5.84 6.24 20.25
N ILE B 312 6.94 6.64 19.63
CA ILE B 312 8.10 7.12 20.38
C ILE B 312 7.74 8.42 21.12
N ASP B 313 7.02 9.32 20.45
CA ASP B 313 6.65 10.58 21.08
C ASP B 313 5.70 10.37 22.25
N ASN B 314 4.80 9.39 22.15
CA ASN B 314 3.84 9.11 23.21
C ASN B 314 4.40 8.15 24.27
N ASN B 315 5.64 7.70 24.11
CA ASN B 315 6.29 6.78 25.05
C ASN B 315 5.44 5.51 25.23
N ILE B 316 5.14 4.86 24.12
CA ILE B 316 4.27 3.69 24.09
C ILE B 316 5.12 2.47 23.74
N ASN B 317 5.07 1.45 24.59
CA ASN B 317 5.74 0.18 24.34
C ASN B 317 4.74 -0.82 23.81
N VAL B 318 5.10 -1.50 22.71
CA VAL B 318 4.18 -2.35 21.98
C VAL B 318 4.66 -3.80 22.08
N ILE B 319 3.73 -4.70 22.39
CA ILE B 319 3.97 -6.14 22.39
C ILE B 319 3.14 -6.74 21.26
N PHE B 320 3.80 -7.42 20.33
CA PHE B 320 3.13 -7.99 19.16
C PHE B 320 2.87 -9.47 19.43
N ALA B 321 1.83 -9.73 20.22
CA ALA B 321 1.43 -11.10 20.53
C ALA B 321 0.76 -11.72 19.31
N VAL B 322 1.45 -12.68 18.68
CA VAL B 322 0.95 -13.31 17.46
C VAL B 322 1.00 -14.82 17.62
N GLN B 323 0.17 -15.51 16.85
CA GLN B 323 0.03 -16.96 16.94
C GLN B 323 0.29 -17.68 15.63
N GLY B 324 0.13 -17.03 14.48
CA GLY B 324 0.25 -17.68 13.19
C GLY B 324 1.67 -17.71 12.68
N LYS B 325 1.80 -18.07 11.39
CA LYS B 325 3.10 -18.10 10.74
C LYS B 325 3.73 -16.72 10.65
N GLN B 326 2.92 -15.65 10.73
CA GLN B 326 3.41 -14.28 10.63
C GLN B 326 4.26 -13.86 11.82
N PHE B 327 4.58 -14.77 12.74
CA PHE B 327 5.50 -14.45 13.82
C PHE B 327 6.86 -14.03 13.27
N HIS B 328 7.35 -14.73 12.24
CA HIS B 328 8.62 -14.36 11.62
C HIS B 328 8.51 -12.98 10.97
N TRP B 329 7.39 -12.71 10.30
CA TRP B 329 7.20 -11.43 9.64
C TRP B 329 7.21 -10.28 10.64
N TYR B 330 6.53 -10.47 11.77
CA TYR B 330 6.52 -9.44 12.81
C TYR B 330 7.84 -9.38 13.56
N LYS B 331 8.59 -10.48 13.59
CA LYS B 331 9.92 -10.47 14.20
C LYS B 331 10.90 -9.66 13.37
N ASP B 332 10.80 -9.73 12.04
CA ASP B 332 11.65 -8.93 11.19
C ASP B 332 11.28 -7.45 11.21
N LEU B 333 10.10 -7.11 11.74
CA LEU B 333 9.67 -5.72 11.87
C LEU B 333 10.21 -5.07 13.13
N LEU B 334 10.76 -5.84 14.07
CA LEU B 334 11.28 -5.26 15.31
C LEU B 334 12.41 -4.24 15.07
N PRO B 335 13.40 -4.49 14.21
CA PRO B 335 14.39 -3.44 13.94
C PRO B 335 13.77 -2.15 13.38
N LEU B 336 12.69 -2.27 12.61
CA LEU B 336 12.04 -1.09 12.06
C LEU B 336 11.34 -0.27 13.14
N LEU B 337 10.78 -0.93 14.15
CA LEU B 337 10.04 -0.25 15.20
C LEU B 337 10.90 -0.17 16.45
N PRO B 338 11.43 1.00 16.81
CA PRO B 338 12.23 1.11 18.04
C PRO B 338 11.39 0.83 19.27
N GLY B 339 11.99 0.16 20.25
CA GLY B 339 11.30 -0.15 21.49
C GLY B 339 10.08 -1.02 21.33
N THR B 340 10.16 -2.02 20.46
CA THR B 340 9.03 -2.91 20.20
C THR B 340 9.55 -4.34 20.05
N ILE B 341 8.90 -5.28 20.73
CA ILE B 341 9.25 -6.69 20.65
C ILE B 341 7.99 -7.50 20.36
N ALA B 342 8.20 -8.69 19.80
CA ALA B 342 7.12 -9.57 19.38
C ALA B 342 7.25 -10.93 20.06
N GLY B 343 6.10 -11.52 20.40
CA GLY B 343 6.08 -12.83 21.04
C GLY B 343 5.21 -13.83 20.31
N GLU B 344 5.39 -15.12 20.63
CA GLU B 344 4.67 -16.19 19.96
C GLU B 344 3.54 -16.71 20.85
N ILE B 345 2.43 -17.08 20.21
CA ILE B 345 1.29 -17.71 20.87
C ILE B 345 1.10 -19.08 20.26
N GLU B 346 0.98 -20.10 21.11
CA GLU B 346 0.82 -21.47 20.63
C GLU B 346 -0.59 -21.67 20.05
N SER B 347 -0.77 -22.82 19.39
CA SER B 347 -2.09 -23.16 18.83
C SER B 347 -3.12 -23.35 19.94
N LYS B 348 -2.74 -24.04 21.02
CA LYS B 348 -3.62 -24.14 22.18
C LYS B 348 -3.87 -22.79 22.83
N ALA B 349 -3.06 -21.79 22.49
CA ALA B 349 -3.39 -20.38 22.71
C ALA B 349 -3.67 -20.06 24.18
N ALA B 350 -2.99 -20.73 25.12
CA ALA B 350 -2.99 -20.30 26.51
C ALA B 350 -1.55 -20.23 27.02
N ASN B 351 -0.83 -19.18 26.60
CA ASN B 351 0.35 -18.70 27.30
C ASN B 351 0.37 -17.18 27.26
N LEU B 352 -0.81 -16.57 27.40
CA LEU B 352 -0.91 -15.13 27.28
C LEU B 352 -0.27 -14.45 28.47
N ASN B 353 -0.59 -14.93 29.68
CA ASN B 353 -0.02 -14.32 30.88
C ASN B 353 1.49 -14.45 30.89
N ASN B 354 2.00 -15.64 30.53
CA ASN B 354 3.45 -15.84 30.47
C ASN B 354 4.08 -14.97 29.39
N LEU B 355 3.42 -14.86 28.23
CA LEU B 355 3.93 -13.99 27.18
C LEU B 355 4.01 -12.54 27.64
N VAL B 356 2.98 -12.06 28.34
CA VAL B 356 3.00 -10.68 28.86
C VAL B 356 4.11 -10.51 29.89
N VAL B 357 4.28 -11.50 30.78
CA VAL B 357 5.34 -11.42 31.78
C VAL B 357 6.70 -11.34 31.10
N GLU B 358 6.94 -12.22 30.12
CA GLU B 358 8.22 -12.22 29.41
C GLU B 358 8.44 -10.92 28.65
N ALA B 359 7.38 -10.40 28.01
CA ALA B 359 7.50 -9.15 27.26
C ALA B 359 7.80 -7.98 28.18
N TYR B 360 7.14 -7.92 29.33
CA TYR B 360 7.42 -6.86 30.30
C TYR B 360 8.85 -6.97 30.81
N GLN B 361 9.31 -8.18 31.12
CA GLN B 361 10.68 -8.36 31.59
C GLN B 361 11.69 -7.95 30.53
N LYS B 362 11.43 -8.31 29.27
CA LYS B 362 12.34 -7.92 28.19
C LYS B 362 12.34 -6.41 27.98
N LEU B 363 11.17 -5.78 28.05
CA LEU B 363 11.10 -4.34 27.86
C LEU B 363 11.81 -3.58 28.97
N ILE B 364 11.70 -4.06 30.22
CA ILE B 364 12.40 -3.41 31.31
C ILE B 364 13.91 -3.57 31.16
N SER B 365 14.37 -4.71 30.64
CA SER B 365 15.79 -5.01 30.57
C SER B 365 16.49 -4.36 29.38
N GLU B 366 15.75 -3.79 28.44
CA GLU B 366 16.35 -3.12 27.29
C GLU B 366 16.30 -1.62 27.48
N VAL B 367 17.42 -0.95 27.22
CA VAL B 367 17.53 0.50 27.32
C VAL B 367 18.07 1.01 25.99
N LYS B 368 17.22 1.66 25.21
CA LYS B 368 17.59 2.24 23.93
C LYS B 368 17.22 3.72 23.94
N VAL B 369 18.09 4.55 23.35
CA VAL B 369 17.91 5.99 23.34
C VAL B 369 18.13 6.51 21.92
N GLN B 370 17.26 7.42 21.49
CA GLN B 370 17.41 8.11 20.22
C GLN B 370 17.16 9.59 20.43
N VAL B 371 17.81 10.41 19.62
CA VAL B 371 17.73 11.86 19.74
C VAL B 371 16.87 12.41 18.60
N GLU B 372 15.88 13.23 18.96
CA GLU B 372 15.03 13.90 17.99
C GLU B 372 15.52 15.34 17.87
N ASN B 373 16.55 15.52 17.04
CA ASN B 373 17.24 16.79 16.91
C ASN B 373 16.68 17.56 15.73
N GLN B 374 16.36 18.83 15.95
CA GLN B 374 15.91 19.73 14.90
C GLN B 374 16.84 20.91 14.68
N VAL B 375 17.83 21.12 15.56
CA VAL B 375 18.76 22.23 15.40
C VAL B 375 19.70 21.93 14.24
N GLN B 376 19.85 22.90 13.34
CA GLN B 376 20.71 22.75 12.18
C GLN B 376 22.15 23.11 12.54
N GLY B 377 23.08 22.32 12.01
CA GLY B 377 24.51 22.56 12.19
C GLY B 377 25.18 21.67 13.22
N ILE B 378 24.42 20.98 14.06
CA ILE B 378 24.98 20.11 15.08
C ILE B 378 24.86 18.66 14.62
N TYR B 379 25.82 17.84 15.06
CA TYR B 379 25.86 16.42 14.73
C TYR B 379 25.89 15.62 16.03
N PHE B 380 25.06 14.58 16.10
CA PHE B 380 24.92 13.79 17.31
C PHE B 380 25.64 12.45 17.15
N ASN B 381 26.54 12.16 18.09
CA ASN B 381 27.19 10.86 18.18
C ASN B 381 27.04 10.35 19.60
N ILE B 382 26.55 9.11 19.73
CA ILE B 382 26.22 8.52 21.03
C ILE B 382 27.11 7.32 21.25
N THR B 383 27.74 7.25 22.43
CA THR B 383 28.58 6.13 22.82
C THR B 383 28.01 5.55 24.10
N ALA B 384 27.35 4.39 24.00
CA ALA B 384 26.74 3.74 25.13
C ALA B 384 27.73 2.86 25.87
N ILE B 385 27.61 2.81 27.19
CA ILE B 385 28.46 1.99 28.05
C ILE B 385 27.56 1.02 28.80
N CYS B 386 27.95 -0.26 28.81
CA CYS B 386 27.12 -1.27 29.44
C CYS B 386 27.67 -1.67 30.80
N PRO B 387 26.79 -2.03 31.73
CA PRO B 387 27.28 -2.51 33.04
C PRO B 387 28.13 -3.77 32.93
N ASP B 388 27.91 -4.59 31.90
CA ASP B 388 28.72 -5.79 31.71
C ASP B 388 30.15 -5.46 31.32
N GLY B 389 30.42 -4.23 30.89
CA GLY B 389 31.75 -3.82 30.49
C GLY B 389 32.00 -3.81 29.00
N SER B 390 31.04 -4.23 28.18
CA SER B 390 31.19 -4.26 26.74
C SER B 390 30.71 -2.93 26.17
N ARG B 391 31.63 -2.16 25.59
CA ARG B 391 31.28 -0.88 24.97
C ARG B 391 30.54 -1.14 23.67
N LYS B 392 29.23 -0.86 23.66
CA LYS B 392 28.37 -1.12 22.52
C LYS B 392 27.62 0.16 22.16
N PRO B 393 28.29 1.11 21.51
CA PRO B 393 27.59 2.33 21.09
C PRO B 393 26.59 2.05 19.98
N GLY B 394 25.59 2.92 19.89
CA GLY B 394 24.60 2.86 18.83
C GLY B 394 23.20 2.87 19.39
N MET B 395 22.24 2.57 18.51
CA MET B 395 20.83 2.57 18.89
C MET B 395 20.46 1.37 19.76
N GLU B 396 21.18 0.26 19.60
CA GLU B 396 20.85 -0.95 20.35
C GLU B 396 21.02 -0.75 21.85
N GLY B 397 22.03 0.03 22.24
CA GLY B 397 22.25 0.29 23.66
C GLY B 397 22.74 -0.95 24.39
N CYS B 398 22.21 -1.15 25.60
CA CYS B 398 22.60 -2.27 26.44
C CYS B 398 21.37 -3.10 26.80
N ARG B 399 21.50 -4.41 26.71
CA ARG B 399 20.45 -5.35 27.07
C ARG B 399 20.82 -6.08 28.35
N ASN B 400 19.82 -6.80 28.89
CA ASN B 400 19.99 -7.59 30.11
C ASN B 400 20.51 -6.72 31.25
N VAL B 401 19.77 -5.65 31.54
CA VAL B 401 20.11 -4.72 32.61
C VAL B 401 18.91 -4.60 33.54
N THR B 402 19.20 -4.48 34.84
CA THR B 402 18.16 -4.36 35.85
C THR B 402 18.41 -3.15 36.73
N SER B 403 17.67 -3.03 37.83
CA SER B 403 17.87 -1.94 38.77
C SER B 403 19.27 -1.98 39.36
N ASN B 404 19.62 -0.88 40.04
CA ASN B 404 20.94 -0.69 40.66
C ASN B 404 22.10 -1.04 39.72
N ASP B 405 21.86 -0.89 38.42
CA ASP B 405 22.88 -1.08 37.39
C ASP B 405 22.88 0.17 36.53
N GLU B 406 23.84 1.07 36.78
CA GLU B 406 23.85 2.37 36.14
C GLU B 406 24.43 2.24 34.73
N VAL B 407 23.66 2.65 33.73
CA VAL B 407 24.07 2.58 32.32
C VAL B 407 24.50 3.97 31.87
N LEU B 408 25.69 4.05 31.26
CA LEU B 408 26.26 5.32 30.85
C LEU B 408 26.04 5.54 29.36
N PHE B 409 25.82 6.79 28.98
CA PHE B 409 25.64 7.18 27.58
C PHE B 409 26.53 8.39 27.30
N ASN B 410 27.71 8.13 26.73
CA ASN B 410 28.63 9.20 26.37
C ASN B 410 28.19 9.83 25.05
N VAL B 411 27.83 11.11 25.10
CA VAL B 411 27.37 11.85 23.93
C VAL B 411 28.31 13.03 23.70
N THR B 412 28.81 13.15 22.47
CA THR B 412 29.73 14.21 22.09
C THR B 412 29.04 15.09 21.05
N VAL B 413 28.43 16.18 21.49
CA VAL B 413 27.74 17.10 20.59
C VAL B 413 28.75 18.08 20.00
N THR B 414 28.81 18.14 18.68
CA THR B 414 29.71 19.02 17.96
C THR B 414 28.91 19.95 17.05
N MET B 415 29.63 20.75 16.25
CA MET B 415 29.03 21.69 15.34
C MET B 415 29.68 21.58 13.98
N LYS B 416 28.89 21.81 12.93
CA LYS B 416 29.40 21.76 11.56
C LYS B 416 29.88 23.12 11.10
N ASN B 425 16.88 27.38 20.06
CA ASN B 425 16.33 26.06 19.77
C ASN B 425 16.99 25.01 20.65
N TYR B 426 16.28 23.90 20.88
CA TYR B 426 16.76 22.83 21.73
C TYR B 426 16.50 21.49 21.06
N ALA B 427 17.30 20.49 21.45
CA ALA B 427 17.16 19.13 20.96
C ALA B 427 16.86 18.22 22.14
N ILE B 428 15.90 17.32 21.97
CA ILE B 428 15.45 16.42 23.04
C ILE B 428 15.99 15.04 22.75
N ILE B 429 16.73 14.48 23.71
CA ILE B 429 17.20 13.10 23.67
C ILE B 429 16.61 12.38 24.86
N LYS B 430 16.02 11.20 24.61
CA LYS B 430 15.31 10.48 25.66
C LYS B 430 15.31 8.99 25.31
N PRO B 431 15.28 8.12 26.32
CA PRO B 431 15.09 6.69 26.05
C PRO B 431 13.66 6.41 25.60
N ILE B 432 13.51 5.31 24.86
CA ILE B 432 12.19 4.88 24.41
C ILE B 432 11.49 4.16 25.56
N GLY B 433 10.27 4.60 25.87
CA GLY B 433 9.49 4.01 26.93
C GLY B 433 9.67 4.63 28.29
N PHE B 434 10.58 5.60 28.43
CA PHE B 434 10.81 6.27 29.71
C PHE B 434 10.02 7.56 29.76
N ASN B 435 9.29 7.78 30.87
CA ASN B 435 8.44 8.96 30.99
C ASN B 435 9.24 10.25 31.12
N GLU B 436 10.50 10.17 31.53
CA GLU B 436 11.33 11.36 31.65
C GLU B 436 12.03 11.65 30.32
N THR B 437 12.54 12.88 30.21
CA THR B 437 13.25 13.33 29.04
C THR B 437 14.52 14.06 29.47
N ALA B 438 15.48 14.13 28.56
CA ALA B 438 16.74 14.84 28.80
C ALA B 438 16.89 15.88 27.70
N LYS B 439 16.30 17.06 27.92
CA LYS B 439 16.39 18.15 26.97
C LYS B 439 17.68 18.92 27.20
N ILE B 440 18.45 19.13 26.12
CA ILE B 440 19.71 19.84 26.18
C ILE B 440 19.54 21.19 25.48
N HIS B 441 19.97 22.25 26.15
CA HIS B 441 19.93 23.60 25.61
C HIS B 441 21.32 24.03 25.20
N ILE B 442 21.46 24.49 23.97
CA ILE B 442 22.76 24.88 23.42
C ILE B 442 22.72 26.37 23.08
N HIS B 443 23.87 27.01 23.22
CA HIS B 443 24.01 28.43 22.92
C HIS B 443 24.32 28.59 21.43
N ARG B 444 23.43 29.27 20.71
CA ARG B 444 23.57 29.47 19.27
C ARG B 444 24.40 30.73 19.04
N ASN B 445 25.60 30.56 18.49
CA ASN B 445 26.48 31.68 18.23
C ASN B 445 27.49 31.33 17.13
N ALA C 92 -44.05 -40.53 10.92
CA ALA C 92 -44.64 -41.40 11.94
C ALA C 92 -43.64 -41.70 13.04
N LYS C 93 -42.52 -42.32 12.67
CA LYS C 93 -41.49 -42.65 13.64
C LYS C 93 -40.83 -41.39 14.19
N GLU C 94 -40.50 -41.43 15.48
CA GLU C 94 -39.86 -40.28 16.11
C GLU C 94 -38.46 -40.07 15.55
N VAL C 95 -38.09 -38.80 15.38
CA VAL C 95 -36.80 -38.44 14.82
C VAL C 95 -35.99 -37.70 15.89
N THR C 96 -34.67 -37.72 15.71
CA THR C 96 -33.76 -37.06 16.63
C THR C 96 -32.48 -36.71 15.90
N ARG C 97 -31.71 -35.80 16.49
CA ARG C 97 -30.44 -35.36 15.93
C ARG C 97 -29.36 -35.45 17.01
N VAL C 98 -28.17 -35.88 16.59
CA VAL C 98 -27.03 -36.02 17.49
C VAL C 98 -25.90 -35.16 16.92
N LEU C 99 -25.66 -34.01 17.55
CA LEU C 99 -24.63 -33.10 17.09
C LEU C 99 -23.24 -33.71 17.30
N MET C 100 -22.29 -33.26 16.48
CA MET C 100 -20.93 -33.75 16.56
C MET C 100 -20.13 -32.94 17.59
N VAL C 101 -18.87 -33.33 17.78
CA VAL C 101 -18.00 -32.61 18.70
C VAL C 101 -17.43 -31.38 17.99
N GLU C 102 -16.99 -30.41 18.78
CA GLU C 102 -16.41 -29.20 18.23
C GLU C 102 -15.12 -29.53 17.47
N THR C 103 -14.86 -28.74 16.42
CA THR C 103 -13.69 -28.97 15.58
C THR C 103 -12.40 -28.83 16.38
N HIS C 104 -12.36 -27.92 17.35
CA HIS C 104 -11.17 -27.70 18.16
C HIS C 104 -11.15 -28.52 19.43
N ASN C 105 -12.32 -28.78 20.02
CA ASN C 105 -12.38 -29.49 21.30
C ASN C 105 -11.84 -30.91 21.18
N GLU C 106 -12.49 -31.74 20.38
CA GLU C 106 -12.15 -33.15 20.27
C GLU C 106 -11.75 -33.60 18.87
N ILE C 107 -12.24 -32.93 17.82
CA ILE C 107 -11.89 -33.34 16.46
C ILE C 107 -10.41 -33.13 16.20
N TYR C 108 -9.89 -31.95 16.54
CA TYR C 108 -8.48 -31.64 16.35
C TYR C 108 -7.67 -31.89 17.63
N ASP C 109 -7.77 -33.11 18.17
CA ASP C 109 -6.98 -33.49 19.34
C ASP C 109 -5.67 -34.14 18.91
N LYS C 110 -5.74 -35.22 18.16
CA LYS C 110 -4.59 -35.83 17.53
C LYS C 110 -4.56 -35.67 16.03
N PHE C 111 -5.72 -35.60 15.39
CA PHE C 111 -5.83 -35.39 13.95
C PHE C 111 -6.07 -33.91 13.64
N LYS C 112 -5.07 -33.10 14.00
CA LYS C 112 -5.23 -31.65 13.90
C LYS C 112 -5.39 -31.19 12.45
N GLN C 113 -4.62 -31.76 11.53
CA GLN C 113 -4.64 -31.36 10.12
C GLN C 113 -4.99 -32.58 9.28
N SER C 114 -6.29 -32.84 9.15
CA SER C 114 -6.77 -33.94 8.32
C SER C 114 -7.15 -33.41 6.94
N THR C 115 -6.14 -32.93 6.23
CA THR C 115 -6.36 -32.38 4.90
C THR C 115 -6.81 -33.45 3.91
N HIS C 116 -6.26 -34.66 4.02
CA HIS C 116 -6.58 -35.72 3.07
C HIS C 116 -8.03 -36.16 3.18
N SER C 117 -8.64 -36.01 4.36
CA SER C 117 -10.02 -36.46 4.56
C SER C 117 -10.61 -35.75 5.76
N ILE C 118 -11.83 -35.23 5.62
CA ILE C 118 -12.50 -34.55 6.70
C ILE C 118 -13.09 -35.59 7.66
N TYR C 119 -12.95 -35.33 8.96
CA TYR C 119 -13.35 -36.27 10.00
C TYR C 119 -14.43 -35.66 10.88
N MET C 120 -15.45 -36.46 11.19
CA MET C 120 -16.55 -36.06 12.06
C MET C 120 -16.64 -37.07 13.20
N PHE C 121 -16.42 -36.59 14.42
CA PHE C 121 -16.34 -37.47 15.59
C PHE C 121 -17.56 -37.30 16.49
N PHE C 122 -17.88 -38.38 17.21
CA PHE C 122 -19.01 -38.43 18.12
C PHE C 122 -18.62 -39.25 19.34
N ASN C 123 -19.38 -39.08 20.42
CA ASN C 123 -19.24 -39.94 21.60
C ASN C 123 -20.58 -40.58 21.93
N THR C 124 -20.51 -41.68 22.67
CA THR C 124 -21.65 -42.59 22.81
C THR C 124 -22.70 -42.11 23.81
N SER C 125 -22.36 -41.14 24.67
CA SER C 125 -23.33 -40.66 25.65
C SER C 125 -24.52 -40.00 24.98
N GLU C 126 -24.28 -39.17 23.96
CA GLU C 126 -25.38 -38.51 23.26
C GLU C 126 -26.23 -39.52 22.49
N LEU C 127 -25.59 -40.54 21.90
CA LEU C 127 -26.35 -41.57 21.21
C LEU C 127 -27.27 -42.32 22.17
N ARG C 128 -26.78 -42.64 23.37
CA ARG C 128 -27.62 -43.27 24.37
C ARG C 128 -28.74 -42.34 24.83
N GLU C 129 -28.43 -41.05 24.93
CA GLU C 129 -29.46 -40.08 25.31
C GLU C 129 -30.56 -40.00 24.26
N ALA C 130 -30.20 -40.09 22.98
CA ALA C 130 -31.21 -40.06 21.92
C ALA C 130 -32.17 -41.23 22.03
N VAL C 131 -31.64 -42.43 22.27
CA VAL C 131 -32.47 -43.62 22.47
C VAL C 131 -31.69 -44.65 23.27
N PRO C 132 -32.24 -45.19 24.36
CA PRO C 132 -31.49 -46.15 25.17
C PRO C 132 -31.42 -47.53 24.54
N GLU C 133 -32.50 -47.98 23.93
CA GLU C 133 -32.57 -49.34 23.41
C GLU C 133 -31.88 -49.44 22.07
N PRO C 134 -30.86 -50.29 21.92
CA PRO C 134 -30.26 -50.48 20.59
C PRO C 134 -31.24 -51.00 19.55
N VAL C 135 -32.18 -51.86 19.94
CA VAL C 135 -33.11 -52.44 18.98
C VAL C 135 -34.18 -51.43 18.56
N LEU C 136 -34.40 -50.39 19.36
CA LEU C 136 -35.42 -49.39 19.03
C LEU C 136 -35.02 -48.51 17.84
N LEU C 137 -33.75 -48.52 17.45
CA LEU C 137 -33.27 -47.69 16.34
C LEU C 137 -33.73 -48.33 15.04
N SER C 138 -34.85 -47.83 14.50
CA SER C 138 -35.36 -48.36 13.24
C SER C 138 -34.44 -48.02 12.08
N ARG C 139 -33.92 -46.79 12.06
CA ARG C 139 -33.04 -46.36 10.98
C ARG C 139 -32.25 -45.15 11.45
N ALA C 140 -31.00 -45.06 10.97
CA ALA C 140 -30.12 -43.93 11.27
C ALA C 140 -29.53 -43.42 9.96
N GLU C 141 -29.42 -42.10 9.84
CA GLU C 141 -28.94 -41.46 8.63
C GLU C 141 -27.88 -40.43 8.96
N LEU C 142 -26.96 -40.22 8.02
CA LEU C 142 -25.90 -39.22 8.15
C LEU C 142 -26.20 -38.08 7.18
N ARG C 143 -26.27 -36.86 7.71
CA ARG C 143 -26.61 -35.68 6.93
C ARG C 143 -25.36 -34.85 6.68
N LEU C 144 -25.12 -34.52 5.41
CA LEU C 144 -23.98 -33.71 5.02
C LEU C 144 -24.41 -32.68 4.00
N LEU C 145 -23.68 -31.57 3.95
CA LEU C 145 -23.95 -30.48 3.02
C LEU C 145 -22.85 -30.47 1.95
N ARG C 146 -23.27 -30.58 0.69
CA ARG C 146 -22.32 -30.65 -0.41
C ARG C 146 -21.80 -29.26 -0.77
N LEU C 147 -20.61 -29.22 -1.34
CA LEU C 147 -19.98 -27.98 -1.76
C LEU C 147 -20.09 -27.83 -3.28
N LYS C 148 -19.56 -26.72 -3.79
CA LYS C 148 -19.65 -26.39 -5.21
C LYS C 148 -18.40 -26.88 -5.96
N LEU C 149 -18.18 -28.20 -5.90
CA LEU C 149 -17.08 -28.79 -6.66
C LEU C 149 -17.36 -28.76 -8.15
N LYS C 150 -18.45 -29.41 -8.58
CA LYS C 150 -18.95 -29.38 -9.94
C LYS C 150 -17.98 -29.97 -10.96
N VAL C 151 -16.93 -30.66 -10.50
CA VAL C 151 -15.95 -31.29 -11.39
C VAL C 151 -15.99 -32.82 -11.26
N GLU C 152 -15.68 -33.33 -10.07
CA GLU C 152 -15.69 -34.76 -9.82
C GLU C 152 -15.71 -35.04 -8.33
N GLN C 153 -16.59 -35.93 -7.88
CA GLN C 153 -16.75 -36.23 -6.46
C GLN C 153 -16.66 -37.74 -6.27
N HIS C 154 -15.64 -38.17 -5.53
CA HIS C 154 -15.45 -39.58 -5.19
C HIS C 154 -15.03 -39.64 -3.73
N VAL C 155 -15.94 -40.09 -2.87
CA VAL C 155 -15.73 -40.10 -1.43
C VAL C 155 -15.47 -41.53 -0.98
N GLU C 156 -14.38 -41.72 -0.23
CA GLU C 156 -14.01 -43.01 0.32
C GLU C 156 -14.40 -43.04 1.80
N LEU C 157 -15.23 -43.99 2.18
CA LEU C 157 -15.84 -44.03 3.51
C LEU C 157 -15.18 -45.13 4.34
N TYR C 158 -14.31 -44.72 5.26
CA TYR C 158 -13.77 -45.63 6.26
C TYR C 158 -14.46 -45.41 7.60
N GLN C 159 -14.41 -46.45 8.44
CA GLN C 159 -15.01 -46.40 9.77
C GLN C 159 -14.00 -46.92 10.78
N LYS C 160 -14.27 -46.62 12.05
CA LYS C 160 -13.34 -46.90 13.15
C LYS C 160 -13.69 -48.26 13.76
N TYR C 161 -12.87 -49.25 13.46
CA TYR C 161 -12.99 -50.58 14.05
C TYR C 161 -11.94 -50.72 15.15
N SER C 162 -12.38 -50.69 16.40
CA SER C 162 -11.51 -50.78 17.58
C SER C 162 -10.47 -49.68 17.63
N ASN C 163 -10.71 -48.57 16.91
CA ASN C 163 -9.83 -47.39 16.90
C ASN C 163 -8.40 -47.73 16.45
N ASN C 164 -8.22 -48.83 15.72
CA ASN C 164 -6.91 -49.23 15.27
C ASN C 164 -6.88 -49.76 13.84
N SER C 165 -8.00 -49.74 13.13
CA SER C 165 -8.05 -50.28 11.77
C SER C 165 -9.07 -49.46 10.98
N TRP C 166 -9.45 -49.97 9.80
CA TRP C 166 -10.39 -49.30 8.92
C TRP C 166 -11.45 -50.29 8.47
N ARG C 167 -12.63 -49.75 8.17
CA ARG C 167 -13.77 -50.54 7.71
C ARG C 167 -14.43 -49.84 6.55
N TYR C 168 -14.64 -50.59 5.45
CA TYR C 168 -15.26 -50.04 4.25
C TYR C 168 -16.70 -50.52 4.16
N LEU C 169 -17.61 -49.58 3.85
CA LEU C 169 -19.02 -49.90 3.70
C LEU C 169 -19.52 -49.68 2.29
N SER C 170 -19.38 -48.49 1.73
CA SER C 170 -19.89 -48.16 0.40
C SER C 170 -19.25 -46.84 -0.04
N ASN C 171 -19.70 -46.34 -1.19
CA ASN C 171 -19.23 -45.07 -1.73
C ASN C 171 -20.37 -44.37 -2.42
N ARG C 172 -20.20 -43.07 -2.66
CA ARG C 172 -21.24 -42.25 -3.27
C ARG C 172 -20.59 -41.17 -4.10
N LEU C 173 -21.42 -40.48 -4.89
CA LEU C 173 -20.98 -39.39 -5.75
C LEU C 173 -21.93 -38.22 -5.62
N LEU C 174 -21.41 -37.02 -5.89
CA LEU C 174 -22.18 -35.79 -5.81
C LEU C 174 -22.37 -35.22 -7.22
N ALA C 175 -23.62 -34.89 -7.54
CA ALA C 175 -23.92 -34.36 -8.87
C ALA C 175 -23.28 -32.98 -9.05
N PRO C 176 -22.69 -32.72 -10.21
CA PRO C 176 -22.08 -31.39 -10.43
C PRO C 176 -23.12 -30.28 -10.48
N SER C 177 -23.63 -29.89 -9.32
CA SER C 177 -24.63 -28.84 -9.20
C SER C 177 -24.13 -27.77 -8.25
N ASP C 178 -24.22 -26.51 -8.67
CA ASP C 178 -23.78 -25.38 -7.85
C ASP C 178 -24.89 -25.01 -6.87
N SER C 179 -25.09 -25.89 -5.89
CA SER C 179 -26.11 -25.70 -4.87
C SER C 179 -25.76 -26.57 -3.67
N PRO C 180 -26.05 -26.12 -2.45
CA PRO C 180 -25.77 -26.93 -1.25
C PRO C 180 -26.77 -28.08 -1.08
N GLU C 181 -26.59 -29.12 -1.89
CA GLU C 181 -27.49 -30.27 -1.84
C GLU C 181 -27.24 -31.09 -0.57
N TRP C 182 -28.29 -31.76 -0.10
CA TRP C 182 -28.22 -32.55 1.11
C TRP C 182 -27.87 -33.99 0.77
N LEU C 183 -26.95 -34.57 1.53
CA LEU C 183 -26.49 -35.94 1.35
C LEU C 183 -26.98 -36.81 2.50
N SER C 184 -27.35 -38.05 2.18
CA SER C 184 -27.84 -39.00 3.17
C SER C 184 -27.11 -40.32 3.00
N PHE C 185 -26.52 -40.83 4.08
CA PHE C 185 -25.80 -42.08 4.09
C PHE C 185 -26.49 -43.07 5.04
N ASP C 186 -26.43 -44.35 4.68
CA ASP C 186 -27.03 -45.41 5.49
C ASP C 186 -25.95 -45.99 6.40
N VAL C 187 -25.95 -45.55 7.66
CA VAL C 187 -24.96 -46.00 8.64
C VAL C 187 -25.66 -46.64 9.83
N THR C 188 -26.80 -47.29 9.58
CA THR C 188 -27.61 -47.83 10.66
C THR C 188 -26.83 -48.87 11.47
N GLY C 189 -26.11 -49.76 10.78
CA GLY C 189 -25.39 -50.82 11.48
C GLY C 189 -24.28 -50.28 12.37
N VAL C 190 -23.52 -49.30 11.87
CA VAL C 190 -22.43 -48.73 12.65
C VAL C 190 -22.97 -48.04 13.90
N VAL C 191 -24.04 -47.26 13.76
CA VAL C 191 -24.62 -46.57 14.90
C VAL C 191 -25.18 -47.57 15.91
N ARG C 192 -25.85 -48.62 15.40
CA ARG C 192 -26.39 -49.64 16.30
C ARG C 192 -25.29 -50.34 17.07
N GLN C 193 -24.18 -50.66 16.40
CA GLN C 193 -23.07 -51.30 17.08
C GLN C 193 -22.42 -50.37 18.11
N TRP C 194 -22.26 -49.09 17.76
CA TRP C 194 -21.61 -48.15 18.64
C TRP C 194 -22.47 -47.72 19.82
N LEU C 195 -23.79 -47.87 19.72
CA LEU C 195 -24.66 -47.43 20.81
C LEU C 195 -24.41 -48.23 22.08
N SER C 196 -24.22 -49.54 21.95
CA SER C 196 -23.98 -50.41 23.09
C SER C 196 -22.50 -50.72 23.31
N ARG C 197 -21.61 -50.12 22.53
CA ARG C 197 -20.18 -50.36 22.64
C ARG C 197 -19.53 -49.16 23.33
N GLY C 198 -19.00 -49.39 24.53
CA GLY C 198 -18.33 -48.34 25.28
C GLY C 198 -17.06 -47.86 24.61
N GLY C 199 -16.89 -46.54 24.50
CA GLY C 199 -15.71 -45.98 23.88
C GLY C 199 -15.56 -44.53 24.23
N GLU C 200 -14.39 -43.98 23.89
CA GLU C 200 -14.08 -42.59 24.17
C GLU C 200 -14.50 -41.67 23.03
N ILE C 201 -14.21 -42.05 21.79
CA ILE C 201 -14.58 -41.25 20.63
C ILE C 201 -14.66 -42.17 19.42
N GLU C 202 -15.57 -41.85 18.50
CA GLU C 202 -15.75 -42.60 17.27
C GLU C 202 -16.02 -41.63 16.14
N GLY C 203 -15.66 -42.03 14.93
CA GLY C 203 -15.84 -41.15 13.79
C GLY C 203 -15.73 -41.90 12.48
N PHE C 204 -15.91 -41.16 11.39
CA PHE C 204 -15.86 -41.69 10.03
C PHE C 204 -14.82 -40.93 9.22
N ARG C 205 -14.08 -41.66 8.39
CA ARG C 205 -13.17 -41.05 7.43
C ARG C 205 -13.88 -40.87 6.10
N LEU C 206 -13.67 -39.70 5.48
CA LEU C 206 -14.23 -39.38 4.16
C LEU C 206 -13.06 -39.01 3.25
N SER C 207 -12.44 -40.03 2.65
CA SER C 207 -11.28 -39.83 1.81
C SER C 207 -11.69 -39.71 0.35
N ALA C 208 -10.71 -39.42 -0.52
CA ALA C 208 -10.95 -39.26 -1.94
C ALA C 208 -9.92 -40.05 -2.72
N HIS C 209 -10.38 -40.76 -3.75
CA HIS C 209 -9.50 -41.54 -4.62
C HIS C 209 -10.18 -41.84 -5.95
N ILE C 223 -17.90 -28.03 2.40
CA ILE C 223 -18.88 -28.67 3.27
C ILE C 223 -19.16 -27.81 4.50
N ASN C 224 -20.43 -27.74 4.90
CA ASN C 224 -20.81 -26.97 6.08
C ASN C 224 -20.26 -27.64 7.33
N GLY C 225 -19.91 -26.81 8.31
CA GLY C 225 -19.27 -27.30 9.52
C GLY C 225 -17.77 -27.44 9.43
N PHE C 226 -17.18 -27.21 8.26
CA PHE C 226 -15.74 -27.28 8.06
C PHE C 226 -15.35 -26.07 7.22
N THR C 227 -14.13 -26.10 6.69
CA THR C 227 -13.69 -25.02 5.80
C THR C 227 -14.62 -24.90 4.60
N THR C 228 -15.05 -23.67 4.30
CA THR C 228 -16.00 -23.46 3.22
C THR C 228 -15.32 -23.54 1.86
N GLY C 229 -14.08 -23.06 1.77
CA GLY C 229 -13.36 -23.01 0.51
C GLY C 229 -12.91 -21.62 0.11
N ARG C 230 -13.24 -20.58 0.87
CA ARG C 230 -12.75 -19.23 0.61
C ARG C 230 -11.54 -19.00 1.51
N ARG C 231 -10.36 -19.03 0.92
CA ARG C 231 -9.12 -18.90 1.66
C ARG C 231 -8.91 -17.46 2.15
N GLY C 232 -8.45 -17.34 3.39
CA GLY C 232 -8.23 -16.05 4.01
C GLY C 232 -9.10 -15.88 5.25
N ASP C 233 -9.73 -14.71 5.36
CA ASP C 233 -10.50 -14.32 6.54
C ASP C 233 -11.89 -14.92 6.59
N LEU C 234 -12.34 -15.59 5.53
CA LEU C 234 -13.66 -16.20 5.53
C LEU C 234 -13.56 -17.71 5.29
N ALA C 235 -12.64 -18.37 6.00
CA ALA C 235 -12.39 -19.79 5.83
C ALA C 235 -12.83 -20.64 7.02
N THR C 236 -12.49 -20.22 8.23
CA THR C 236 -12.68 -21.03 9.43
C THR C 236 -13.94 -20.69 10.21
N ILE C 237 -14.83 -19.88 9.65
CA ILE C 237 -16.06 -19.51 10.34
C ILE C 237 -17.06 -20.66 10.22
N HIS C 238 -17.66 -21.03 11.35
CA HIS C 238 -18.64 -22.09 11.40
C HIS C 238 -20.05 -21.54 11.31
N GLY C 239 -20.98 -22.38 10.87
CA GLY C 239 -22.39 -22.02 10.77
C GLY C 239 -23.26 -23.17 11.24
N MET C 240 -24.58 -22.95 11.14
CA MET C 240 -25.52 -24.00 11.52
C MET C 240 -25.48 -25.14 10.53
N ASN C 241 -26.33 -26.13 10.76
CA ASN C 241 -26.37 -27.37 9.96
C ASN C 241 -25.02 -28.07 9.98
N ARG C 242 -24.33 -27.97 11.11
CA ARG C 242 -23.10 -28.71 11.30
C ARG C 242 -23.40 -30.21 11.25
N PRO C 243 -22.53 -31.01 10.62
CA PRO C 243 -22.85 -32.42 10.40
C PRO C 243 -23.25 -33.14 11.69
N PHE C 244 -24.37 -33.86 11.61
CA PHE C 244 -24.93 -34.57 12.76
C PHE C 244 -25.36 -35.96 12.30
N LEU C 245 -25.82 -36.76 13.26
CA LEU C 245 -26.34 -38.10 13.00
C LEU C 245 -27.85 -38.06 13.15
N LEU C 246 -28.56 -38.24 12.03
CA LEU C 246 -30.02 -38.29 12.06
C LEU C 246 -30.47 -39.68 12.47
N LEU C 247 -31.43 -39.74 13.40
CA LEU C 247 -31.92 -41.00 13.94
C LEU C 247 -33.44 -41.07 13.76
N MET C 248 -33.94 -42.28 13.50
CA MET C 248 -35.37 -42.56 13.39
C MET C 248 -35.66 -43.78 14.24
N ALA C 249 -36.03 -43.56 15.50
CA ALA C 249 -36.26 -44.63 16.45
C ALA C 249 -37.66 -44.52 17.03
N THR C 250 -38.24 -45.67 17.35
CA THR C 250 -39.58 -45.70 17.92
C THR C 250 -39.53 -45.39 19.41
N PRO C 251 -40.54 -44.72 19.96
CA PRO C 251 -40.58 -44.48 21.40
C PRO C 251 -40.67 -45.79 22.18
N LEU C 252 -40.06 -45.79 23.36
CA LEU C 252 -40.05 -46.99 24.19
C LEU C 252 -41.46 -47.38 24.64
N GLU C 253 -42.29 -46.38 24.96
CA GLU C 253 -43.64 -46.66 25.45
C GLU C 253 -44.50 -47.29 24.36
N ARG C 254 -44.41 -46.79 23.13
CA ARG C 254 -45.24 -47.31 22.05
C ARG C 254 -44.91 -48.76 21.73
N ALA C 255 -43.62 -49.09 21.68
CA ALA C 255 -43.19 -50.45 21.37
C ALA C 255 -42.66 -51.17 22.61
#